data_8K08
#
_entry.id   8K08
#
_cell.length_a   70.349
_cell.length_b   90.203
_cell.length_c   155.873
_cell.angle_alpha   90.00
_cell.angle_beta   90.00
_cell.angle_gamma   90.00
#
_symmetry.space_group_name_H-M   'P 21 21 21'
#
loop_
_entity.id
_entity.type
_entity.pdbx_description
1 polymer Glycosyltransferase
2 non-polymer 'Ginsenoside Rh2'
#
_entity_poly.entity_id   1
_entity_poly.type   'polypeptide(L)'
_entity_poly.pdbx_seq_one_letter_code
;MDNQKGRISIALLPFLAHGHISPFFELAKQLAKRNCNVFLCSTPINLSSIKDKDSSASIKLVELHLPSSPDLPPHYHTTN
GLPSHLMLPLRNAFETAGPTFSEILKTLNPDLLIYDFNPSWAPEIASSHNIPAVYFLTTAAASSSIGLHAFKNPGEKYPF
PDFYDNSNIIPEPPSADNMKLLHDFIACFERSCDIILIKSFRELEGKYIDLLSTLSDKTLVPVGPLVQDPMGHNEDPKTE
QIINWLDKRAESTVVFVCFGSEYFLSNEELEEVAIGLEISTVNFIWAVRLIEGEKKGILPEGFVQRVGDRGLVVEGWAPQ
ARILGHSSTGGFVSHCGWSSIAESMKFGVPVIAMARHLDQPLNGKLAAEVGVGMEVVRDENGKYKREGIAEVIRKVVVEK
SGEVIRRKARELSEKMKEKGEQEIDRAVEELVQICKKKKDEQENLYFQGHHHHHH
;
_entity_poly.pdbx_strand_id   A,B
#
loop_
_chem_comp.id
_chem_comp.type
_chem_comp.name
_chem_comp.formula
8YG non-polymer 'Ginsenoside Rh2' 'C36 H62 O8'
#
# COMPACT_ATOMS: atom_id res chain seq x y z
N ILE A 8 15.22 35.58 -18.30
CA ILE A 8 16.52 35.28 -18.87
C ILE A 8 17.46 34.76 -17.79
N SER A 9 17.30 35.27 -16.58
CA SER A 9 18.15 34.88 -15.45
C SER A 9 17.37 33.93 -14.55
N ILE A 10 17.89 32.73 -14.37
CA ILE A 10 17.25 31.69 -13.56
C ILE A 10 18.21 31.26 -12.46
N ALA A 11 17.65 30.88 -11.32
CA ALA A 11 18.43 30.39 -10.19
C ALA A 11 17.87 29.03 -9.78
N LEU A 12 18.74 28.04 -9.66
CA LEU A 12 18.36 26.67 -9.38
C LEU A 12 18.86 26.27 -8.00
N LEU A 13 17.95 25.80 -7.15
CA LEU A 13 18.27 25.32 -5.82
C LEU A 13 17.96 23.83 -5.73
N PRO A 14 18.90 22.96 -6.10
CA PRO A 14 18.67 21.52 -5.94
C PRO A 14 18.76 21.11 -4.48
N PHE A 15 18.21 19.93 -4.19
CA PHE A 15 18.25 19.40 -2.84
C PHE A 15 19.66 18.98 -2.47
N LEU A 16 19.88 18.74 -1.18
CA LEU A 16 21.19 18.41 -0.63
C LEU A 16 21.50 16.92 -0.75
N ALA A 17 21.37 16.40 -1.98
CA ALA A 17 21.66 15.00 -2.27
C ALA A 17 22.26 14.89 -3.67
N HIS A 18 23.28 14.04 -3.81
CA HIS A 18 23.97 13.91 -5.08
C HIS A 18 23.05 13.42 -6.19
N GLY A 19 22.10 12.55 -5.85
CA GLY A 19 21.13 12.07 -6.84
C GLY A 19 20.26 13.16 -7.44
N HIS A 20 20.25 14.36 -6.84
CA HIS A 20 19.50 15.48 -7.37
C HIS A 20 20.37 16.63 -7.85
N ILE A 21 21.70 16.52 -7.74
CA ILE A 21 22.57 17.58 -8.24
C ILE A 21 22.82 17.42 -9.73
N SER A 22 23.04 16.19 -10.20
CA SER A 22 23.32 15.97 -11.62
C SER A 22 22.20 16.45 -12.54
N PRO A 23 20.92 16.15 -12.28
CA PRO A 23 19.87 16.70 -13.17
C PRO A 23 19.86 18.22 -13.21
N PHE A 24 20.02 18.88 -12.06
CA PHE A 24 20.05 20.34 -12.04
C PHE A 24 21.25 20.87 -12.80
N PHE A 25 22.40 20.21 -12.67
CA PHE A 25 23.60 20.66 -13.38
C PHE A 25 23.45 20.50 -14.89
N GLU A 26 22.88 19.38 -15.34
CA GLU A 26 22.68 19.20 -16.77
C GLU A 26 21.61 20.15 -17.31
N LEU A 27 20.57 20.42 -16.52
CA LEU A 27 19.62 21.45 -16.90
C LEU A 27 20.28 22.81 -17.02
N ALA A 28 21.23 23.10 -16.13
CA ALA A 28 22.01 24.34 -16.24
C ALA A 28 22.78 24.39 -17.54
N LYS A 29 23.49 23.30 -17.85
CA LYS A 29 24.23 23.23 -19.11
C LYS A 29 23.31 23.43 -20.31
N GLN A 30 22.12 22.85 -20.27
CA GLN A 30 21.23 22.91 -21.43
C GLN A 30 20.55 24.26 -21.57
N LEU A 31 20.17 24.89 -20.47
CA LEU A 31 19.53 26.21 -20.55
C LEU A 31 20.55 27.33 -20.78
N ALA A 32 21.81 27.10 -20.44
CA ALA A 32 22.82 28.14 -20.63
C ALA A 32 23.32 28.21 -22.07
N LYS A 33 23.26 27.11 -22.81
CA LYS A 33 23.71 27.09 -24.19
C LYS A 33 22.68 27.65 -25.16
N ARG A 34 21.47 27.94 -24.69
CA ARG A 34 20.41 28.50 -25.53
C ARG A 34 19.86 29.75 -24.87
N ASN A 35 19.52 30.74 -25.69
CA ASN A 35 18.98 32.02 -25.26
C ASN A 35 19.91 32.78 -24.33
N CYS A 36 21.15 32.31 -24.18
CA CYS A 36 22.14 32.90 -23.27
C CYS A 36 21.53 33.20 -21.91
N ASN A 37 20.95 32.17 -21.30
CA ASN A 37 20.30 32.31 -20.00
C ASN A 37 21.36 32.51 -18.92
N VAL A 38 21.37 33.69 -18.30
CA VAL A 38 22.26 33.97 -17.19
C VAL A 38 21.91 33.02 -16.04
N PHE A 39 22.66 31.93 -15.92
CA PHE A 39 22.30 30.86 -15.01
C PHE A 39 22.99 31.03 -13.66
N LEU A 40 22.28 30.64 -12.60
CA LEU A 40 22.83 30.58 -11.26
C LEU A 40 22.39 29.27 -10.62
N CYS A 41 23.30 28.64 -9.88
CA CYS A 41 23.02 27.36 -9.24
C CYS A 41 23.57 27.40 -7.82
N SER A 42 22.71 27.23 -6.83
CA SER A 42 23.08 27.37 -5.44
C SER A 42 22.88 26.04 -4.71
N THR A 43 23.91 25.64 -3.95
CA THR A 43 23.98 24.42 -3.15
C THR A 43 25.32 24.45 -2.42
N PRO A 44 25.45 23.80 -1.26
CA PRO A 44 26.74 23.79 -0.56
C PRO A 44 27.88 23.33 -1.46
N ILE A 45 29.07 23.88 -1.20
CA ILE A 45 30.23 23.64 -2.06
C ILE A 45 30.55 22.15 -2.13
N ASN A 46 30.24 21.41 -1.06
CA ASN A 46 30.42 19.96 -1.08
C ASN A 46 29.67 19.33 -2.25
N LEU A 47 28.47 19.80 -2.54
CA LEU A 47 27.70 19.31 -3.68
C LEU A 47 27.97 20.08 -4.97
N SER A 48 28.59 21.25 -4.88
CA SER A 48 28.91 22.02 -6.08
C SER A 48 30.19 21.50 -6.75
N SER A 49 31.17 21.08 -5.95
CA SER A 49 32.49 20.77 -6.46
C SER A 49 32.55 19.48 -7.27
N ILE A 50 31.52 18.61 -7.17
CA ILE A 50 31.53 17.42 -8.01
C ILE A 50 31.42 17.80 -9.47
N LYS A 51 30.75 18.91 -9.78
CA LYS A 51 30.59 19.37 -11.16
C LYS A 51 31.58 20.49 -11.47
N ASP A 52 32.84 20.30 -11.10
CA ASP A 52 33.88 21.26 -11.45
C ASP A 52 34.74 20.70 -12.57
N LYS A 53 34.12 20.46 -13.72
CA LYS A 53 34.80 19.88 -14.87
C LYS A 53 34.56 20.74 -16.10
N ASP A 54 33.50 20.44 -16.85
CA ASP A 54 33.13 21.19 -18.05
C ASP A 54 31.82 21.92 -17.75
N SER A 55 31.94 23.04 -17.04
CA SER A 55 30.79 23.85 -16.66
C SER A 55 31.13 25.32 -16.87
N SER A 56 31.44 25.68 -18.11
CA SER A 56 31.85 27.04 -18.42
C SER A 56 30.67 27.98 -18.64
N ALA A 57 29.49 27.44 -18.96
CA ALA A 57 28.35 28.27 -19.32
C ALA A 57 27.56 28.75 -18.12
N SER A 58 27.43 27.92 -17.08
CA SER A 58 26.65 28.27 -15.91
C SER A 58 27.52 29.01 -14.89
N ILE A 59 26.85 29.63 -13.92
CA ILE A 59 27.50 30.31 -12.82
C ILE A 59 27.11 29.59 -11.54
N LYS A 60 28.10 29.05 -10.82
CA LYS A 60 27.84 28.29 -9.61
C LYS A 60 27.88 29.21 -8.40
N LEU A 61 26.94 29.01 -7.48
CA LEU A 61 26.84 29.82 -6.28
C LEU A 61 26.96 28.95 -5.04
N VAL A 62 27.61 29.49 -4.02
CA VAL A 62 27.86 28.78 -2.78
C VAL A 62 26.66 28.97 -1.85
N GLU A 63 26.54 28.09 -0.86
CA GLU A 63 25.51 28.19 0.15
C GLU A 63 26.09 27.74 1.48
N LEU A 64 25.87 28.53 2.53
CA LEU A 64 26.57 28.38 3.80
C LEU A 64 25.59 28.11 4.93
N HIS A 65 26.04 27.29 5.89
CA HIS A 65 25.32 27.09 7.15
C HIS A 65 26.35 27.02 8.27
N LEU A 66 25.85 27.16 9.51
CA LEU A 66 26.67 27.24 10.71
C LEU A 66 26.25 26.12 11.67
N PRO A 67 27.18 25.59 12.48
CA PRO A 67 26.86 24.37 13.24
C PRO A 67 26.03 24.59 14.50
N SER A 68 25.86 23.52 15.27
CA SER A 68 25.11 23.54 16.52
C SER A 68 26.04 23.21 17.68
N SER A 69 25.46 22.80 18.80
CA SER A 69 26.22 22.45 20.01
C SER A 69 27.03 23.64 20.52
N LEU A 90 20.15 18.72 4.84
CA LEU A 90 21.16 18.15 5.72
C LEU A 90 20.68 18.19 7.17
N ARG A 91 19.60 17.46 7.43
CA ARG A 91 18.98 17.33 8.76
C ARG A 91 18.52 18.71 9.21
N ASN A 92 18.79 19.11 10.46
CA ASN A 92 18.36 20.41 10.98
C ASN A 92 19.03 21.58 10.28
N ALA A 93 20.22 21.40 9.71
CA ALA A 93 20.87 22.49 8.99
C ALA A 93 20.00 22.96 7.82
N PHE A 94 19.46 22.01 7.06
CA PHE A 94 18.50 22.35 6.01
C PHE A 94 17.37 23.22 6.56
N GLU A 95 16.78 22.81 7.68
CA GLU A 95 15.67 23.54 8.28
C GLU A 95 16.07 24.90 8.82
N THR A 96 17.36 25.26 8.80
CA THR A 96 17.80 26.55 9.30
C THR A 96 18.53 27.40 8.26
N ALA A 97 18.99 26.82 7.17
CA ALA A 97 19.70 27.57 6.14
C ALA A 97 18.79 28.36 5.23
N GLY A 98 17.51 28.50 5.58
CA GLY A 98 16.56 29.27 4.82
C GLY A 98 16.97 30.72 4.63
N PRO A 99 17.20 31.44 5.74
CA PRO A 99 17.67 32.83 5.64
C PRO A 99 18.90 33.03 4.77
N THR A 100 19.82 32.06 4.73
CA THR A 100 20.97 32.19 3.84
C THR A 100 20.52 32.21 2.38
N PHE A 101 19.60 31.32 2.01
CA PHE A 101 19.07 31.34 0.65
C PHE A 101 18.28 32.61 0.37
N SER A 102 17.57 33.14 1.37
CA SER A 102 16.85 34.39 1.17
C SER A 102 17.81 35.54 0.91
N GLU A 103 18.91 35.61 1.67
CA GLU A 103 19.91 36.62 1.43
C GLU A 103 20.56 36.46 0.06
N ILE A 104 20.81 35.21 -0.34
CA ILE A 104 21.35 34.96 -1.68
C ILE A 104 20.39 35.46 -2.76
N LEU A 105 19.10 35.18 -2.60
CA LEU A 105 18.11 35.63 -3.57
C LEU A 105 18.05 37.15 -3.63
N LYS A 106 18.10 37.81 -2.46
CA LYS A 106 18.09 39.27 -2.44
C LYS A 106 19.33 39.86 -3.08
N THR A 107 20.48 39.19 -2.92
CA THR A 107 21.71 39.67 -3.55
C THR A 107 21.68 39.49 -5.06
N LEU A 108 21.14 38.37 -5.54
CA LEU A 108 21.08 38.15 -6.98
C LEU A 108 19.89 38.85 -7.61
N ASN A 109 18.72 38.76 -6.98
CA ASN A 109 17.45 39.17 -7.57
C ASN A 109 17.23 38.51 -8.93
N PRO A 110 17.11 37.18 -8.98
CA PRO A 110 16.88 36.51 -10.26
C PRO A 110 15.42 36.59 -10.68
N ASP A 111 15.20 36.33 -11.96
CA ASP A 111 13.86 36.41 -12.51
C ASP A 111 13.02 35.17 -12.22
N LEU A 112 13.64 34.04 -11.87
CA LEU A 112 12.89 32.82 -11.63
C LEU A 112 13.73 31.88 -10.80
N LEU A 113 13.05 31.05 -10.01
CA LEU A 113 13.67 30.05 -9.14
C LEU A 113 13.12 28.67 -9.48
N ILE A 114 14.03 27.70 -9.65
CA ILE A 114 13.66 26.32 -9.89
C ILE A 114 14.12 25.50 -8.69
N TYR A 115 13.16 24.90 -8.00
CA TYR A 115 13.39 24.15 -6.77
C TYR A 115 13.10 22.66 -6.99
N ASP A 116 13.51 21.86 -6.02
CA ASP A 116 13.45 20.41 -6.07
C ASP A 116 12.33 19.90 -5.16
N PHE A 117 12.49 18.69 -4.63
CA PHE A 117 11.42 18.05 -3.86
C PHE A 117 11.36 18.59 -2.44
N ASN A 118 12.47 18.53 -1.72
CA ASN A 118 12.41 18.87 -0.31
C ASN A 118 13.26 20.08 0.08
N PRO A 119 13.15 21.24 -0.58
CA PRO A 119 13.63 22.47 0.07
C PRO A 119 12.62 23.09 1.02
N SER A 120 11.35 22.69 0.94
CA SER A 120 10.28 23.10 1.85
C SER A 120 10.06 24.61 1.86
N TRP A 121 11.11 25.37 2.22
CA TRP A 121 10.99 26.82 2.35
C TRP A 121 11.43 27.56 1.10
N ALA A 122 11.95 26.88 0.09
CA ALA A 122 12.38 27.61 -1.10
C ALA A 122 11.18 28.21 -1.84
N PRO A 123 10.10 27.48 -2.13
CA PRO A 123 8.88 28.17 -2.62
C PRO A 123 8.43 29.29 -1.70
N GLU A 124 8.57 29.07 -0.39
CA GLU A 124 8.13 30.03 0.61
C GLU A 124 8.88 31.35 0.46
N ILE A 125 10.21 31.26 0.31
CA ILE A 125 11.04 32.46 0.16
C ILE A 125 10.81 33.09 -1.22
N ALA A 126 10.62 32.26 -2.24
CA ALA A 126 10.30 32.79 -3.56
C ALA A 126 9.03 33.63 -3.52
N SER A 127 8.05 33.21 -2.72
CA SER A 127 6.86 34.03 -2.53
C SER A 127 7.13 35.27 -1.68
N SER A 128 8.24 35.29 -0.94
CA SER A 128 8.56 36.46 -0.13
C SER A 128 9.27 37.56 -0.94
N HIS A 129 10.11 37.17 -1.91
CA HIS A 129 10.83 38.13 -2.73
C HIS A 129 10.13 38.42 -4.05
N ASN A 130 8.87 38.03 -4.19
CA ASN A 130 8.10 38.22 -5.43
C ASN A 130 8.81 37.58 -6.62
N ILE A 131 9.36 36.41 -6.41
CA ILE A 131 10.07 35.64 -7.44
C ILE A 131 9.23 34.41 -7.76
N PRO A 132 8.91 34.16 -9.03
CA PRO A 132 8.16 32.94 -9.36
C PRO A 132 9.00 31.70 -9.18
N ALA A 133 8.40 30.67 -8.59
CA ALA A 133 9.07 29.40 -8.33
C ALA A 133 8.44 28.31 -9.18
N VAL A 134 9.28 27.61 -9.96
CA VAL A 134 8.84 26.54 -10.83
C VAL A 134 9.42 25.23 -10.32
N TYR A 135 8.55 24.23 -10.14
CA TYR A 135 8.97 22.95 -9.58
C TYR A 135 9.63 22.10 -10.66
N PHE A 136 10.68 21.38 -10.26
CA PHE A 136 11.41 20.47 -11.14
C PHE A 136 11.26 19.06 -10.60
N LEU A 137 10.52 18.21 -11.34
CA LEU A 137 10.30 16.81 -10.93
C LEU A 137 11.35 15.93 -11.62
N THR A 138 12.25 15.32 -10.84
CA THR A 138 13.31 14.46 -11.41
C THR A 138 12.86 13.00 -11.36
N THR A 139 11.54 12.75 -11.39
CA THR A 139 11.01 11.38 -11.29
C THR A 139 10.02 11.15 -12.43
N ALA A 140 9.25 10.06 -12.38
CA ALA A 140 8.36 9.72 -13.50
C ALA A 140 7.00 10.38 -13.34
N ALA A 141 6.33 10.65 -14.46
CA ALA A 141 4.96 11.21 -14.39
C ALA A 141 4.05 10.11 -13.88
N ALA A 142 4.20 8.91 -14.42
CA ALA A 142 3.37 7.75 -13.99
C ALA A 142 3.38 7.63 -12.48
N SER A 143 4.58 7.46 -11.92
CA SER A 143 4.72 7.30 -10.45
C SER A 143 3.94 8.41 -9.76
N SER A 144 4.34 9.66 -9.97
CA SER A 144 3.68 10.79 -9.27
C SER A 144 2.18 10.81 -9.54
N SER A 145 1.75 10.38 -10.72
CA SER A 145 0.31 10.48 -11.08
C SER A 145 -0.52 9.67 -10.08
N ILE A 146 -0.08 8.46 -9.76
CA ILE A 146 -0.82 7.65 -8.75
C ILE A 146 -0.99 8.47 -7.47
N GLY A 147 0.11 8.98 -6.92
CA GLY A 147 0.05 9.73 -5.65
C GLY A 147 -0.87 10.95 -5.62
N LEU A 148 -0.84 11.76 -6.68
CA LEU A 148 -1.67 12.99 -6.66
C LEU A 148 -3.13 12.63 -6.99
N HIS A 149 -3.31 11.60 -7.82
CA HIS A 149 -4.69 11.11 -8.09
C HIS A 149 -5.19 10.79 -6.69
N ALA A 150 -4.42 10.04 -5.91
CA ALA A 150 -4.82 9.63 -4.57
C ALA A 150 -5.23 10.85 -3.74
N PHE A 151 -4.54 11.97 -3.89
CA PHE A 151 -4.93 13.15 -3.12
C PHE A 151 -6.15 13.84 -3.71
N LYS A 152 -6.14 14.09 -5.02
CA LYS A 152 -7.24 14.79 -5.66
C LYS A 152 -8.49 13.93 -5.74
N ASN A 153 -8.32 12.61 -5.84
CA ASN A 153 -9.45 11.67 -5.92
C ASN A 153 -9.20 10.55 -4.90
N PRO A 154 -9.53 10.80 -3.64
CA PRO A 154 -9.31 9.77 -2.61
C PRO A 154 -10.18 8.55 -2.82
N GLY A 155 -11.39 8.73 -3.30
CA GLY A 155 -12.31 7.64 -3.52
C GLY A 155 -12.12 6.98 -4.87
N GLU A 156 -11.75 7.76 -5.87
CA GLU A 156 -11.68 7.21 -7.21
C GLU A 156 -10.42 6.36 -7.41
N LYS A 157 -10.50 5.49 -8.41
CA LYS A 157 -9.41 4.59 -8.76
C LYS A 157 -8.62 5.18 -9.93
N TYR A 158 -7.45 4.62 -10.15
CA TYR A 158 -6.55 5.17 -11.17
C TYR A 158 -7.21 5.09 -12.54
N PRO A 159 -7.17 6.17 -13.34
CA PRO A 159 -7.80 6.13 -14.67
C PRO A 159 -7.20 5.08 -15.59
N PHE A 160 -5.99 4.59 -15.31
CA PHE A 160 -5.31 3.60 -16.12
C PHE A 160 -5.04 2.38 -15.23
N PRO A 161 -6.04 1.51 -15.08
CA PRO A 161 -5.86 0.34 -14.18
C PRO A 161 -4.77 -0.60 -14.63
N ASP A 162 -4.26 -0.47 -15.85
CA ASP A 162 -3.14 -1.27 -16.31
C ASP A 162 -1.85 -0.97 -15.55
N PHE A 163 -1.81 0.14 -14.82
CA PHE A 163 -0.64 0.55 -14.05
C PHE A 163 -0.82 0.40 -12.55
N TYR A 164 -2.00 0.67 -12.02
CA TYR A 164 -2.26 0.56 -10.59
C TYR A 164 -3.69 0.09 -10.39
N ASP A 165 -3.85 -0.96 -9.60
CA ASP A 165 -5.18 -1.51 -9.27
C ASP A 165 -5.40 -1.22 -7.79
N ASN A 166 -5.97 -0.03 -7.51
CA ASN A 166 -6.29 0.43 -6.16
C ASN A 166 -7.32 -0.50 -5.52
N SER A 167 -7.80 -1.46 -6.29
CA SER A 167 -8.87 -2.37 -5.90
C SER A 167 -8.52 -3.22 -4.68
N ASN A 168 -7.58 -4.15 -4.86
CA ASN A 168 -7.41 -5.24 -3.91
C ASN A 168 -6.93 -4.74 -2.54
N ILE A 169 -5.81 -4.03 -2.51
CA ILE A 169 -5.18 -3.69 -1.24
C ILE A 169 -4.92 -2.19 -1.17
N ILE A 170 -5.47 -1.55 -0.14
CA ILE A 170 -5.24 -0.15 0.18
C ILE A 170 -5.27 0.02 1.70
N PRO A 171 -4.39 -0.66 2.46
CA PRO A 171 -4.45 -0.60 3.93
C PRO A 171 -4.24 0.80 4.49
N ASP A 177 8.18 8.60 6.46
CA ASP A 177 7.99 10.03 6.73
C ASP A 177 6.52 10.35 6.96
N ASN A 178 5.69 9.31 7.02
CA ASN A 178 4.25 9.43 7.22
C ASN A 178 3.61 10.44 6.29
N MET A 179 2.67 11.23 6.82
CA MET A 179 1.97 12.23 6.04
C MET A 179 2.86 13.43 5.71
N LYS A 180 3.90 13.68 6.51
CA LYS A 180 4.86 14.73 6.20
C LYS A 180 5.47 14.55 4.82
N LEU A 181 5.51 13.33 4.29
CA LEU A 181 5.99 13.10 2.94
C LEU A 181 4.91 13.48 1.92
N LEU A 182 3.67 13.09 2.17
CA LEU A 182 2.56 13.41 1.28
C LEU A 182 2.42 14.92 1.13
N HIS A 183 2.40 15.64 2.25
CA HIS A 183 2.19 17.08 2.22
C HIS A 183 3.30 17.79 1.46
N ASP A 184 4.55 17.32 1.62
CA ASP A 184 5.65 17.92 0.87
C ASP A 184 5.45 17.73 -0.64
N PHE A 185 4.99 16.55 -1.05
CA PHE A 185 4.75 16.27 -2.46
C PHE A 185 3.66 17.18 -3.01
N ILE A 186 2.51 17.22 -2.34
CA ILE A 186 1.41 18.04 -2.85
C ILE A 186 1.75 19.52 -2.77
N ALA A 187 2.63 19.91 -1.85
CA ALA A 187 3.01 21.31 -1.73
C ALA A 187 3.94 21.71 -2.88
N CYS A 188 4.97 20.91 -3.14
CA CYS A 188 5.87 21.23 -4.24
C CYS A 188 5.18 21.09 -5.60
N PHE A 189 4.08 20.33 -5.67
CA PHE A 189 3.29 20.33 -6.90
C PHE A 189 2.38 21.55 -6.97
N GLU A 190 1.78 21.95 -5.85
CA GLU A 190 0.86 23.09 -5.84
C GLU A 190 1.60 24.43 -5.92
N ARG A 191 2.70 24.56 -5.18
CA ARG A 191 3.39 25.85 -5.09
C ARG A 191 4.07 26.26 -6.40
N SER A 192 4.14 25.38 -7.39
CA SER A 192 4.73 25.74 -8.67
C SER A 192 3.88 26.79 -9.38
N CYS A 193 4.54 27.67 -10.11
CA CYS A 193 3.87 28.78 -10.79
C CYS A 193 3.55 28.35 -12.21
N ASP A 194 2.25 28.23 -12.51
CA ASP A 194 1.74 27.93 -13.84
C ASP A 194 2.23 26.58 -14.39
N ILE A 195 3.54 26.41 -14.52
CA ILE A 195 4.10 25.22 -15.15
C ILE A 195 4.87 24.41 -14.12
N ILE A 196 5.14 23.15 -14.49
CA ILE A 196 5.91 22.22 -13.68
C ILE A 196 6.88 21.49 -14.61
N LEU A 197 8.18 21.70 -14.40
CA LEU A 197 9.19 21.02 -15.21
C LEU A 197 9.33 19.58 -14.76
N ILE A 198 9.57 18.68 -15.71
CA ILE A 198 9.72 17.26 -15.43
C ILE A 198 10.84 16.68 -16.29
N LYS A 199 11.67 15.84 -15.68
CA LYS A 199 12.73 15.13 -16.38
C LYS A 199 12.13 13.89 -17.03
N SER A 200 11.47 14.10 -18.17
CA SER A 200 10.81 13.03 -18.90
C SER A 200 10.58 13.50 -20.32
N PHE A 201 9.95 12.64 -21.12
CA PHE A 201 9.62 12.96 -22.50
C PHE A 201 8.29 12.31 -22.85
N ARG A 202 7.65 12.85 -23.89
CA ARG A 202 6.32 12.36 -24.27
C ARG A 202 6.38 10.92 -24.77
N GLU A 203 7.46 10.55 -25.47
CA GLU A 203 7.56 9.24 -26.11
C GLU A 203 7.55 8.08 -25.11
N LEU A 204 7.69 8.34 -23.82
CA LEU A 204 7.66 7.29 -22.81
C LEU A 204 6.37 7.28 -22.00
N GLU A 205 5.82 8.45 -21.68
CA GLU A 205 4.62 8.52 -20.86
C GLU A 205 3.87 9.83 -21.06
N GLY A 206 3.58 10.18 -22.31
CA GLY A 206 2.82 11.39 -22.57
C GLY A 206 1.41 11.33 -21.99
N LYS A 207 0.83 10.13 -21.93
CA LYS A 207 -0.49 9.97 -21.34
C LYS A 207 -0.46 10.30 -19.85
N TYR A 208 0.54 9.78 -19.14
CA TYR A 208 0.68 10.11 -17.73
C TYR A 208 1.08 11.56 -17.52
N ILE A 209 1.82 12.14 -18.46
CA ILE A 209 2.16 13.56 -18.38
C ILE A 209 0.89 14.41 -18.47
N ASP A 210 0.00 14.07 -19.40
CA ASP A 210 -1.25 14.81 -19.52
C ASP A 210 -2.14 14.57 -18.31
N LEU A 211 -2.13 13.36 -17.75
CA LEU A 211 -2.88 13.10 -16.53
C LEU A 211 -2.37 13.96 -15.39
N LEU A 212 -1.05 14.06 -15.23
CA LEU A 212 -0.47 14.90 -14.19
C LEU A 212 -0.82 16.37 -14.43
N SER A 213 -0.83 16.80 -15.69
CA SER A 213 -1.22 18.17 -16.01
C SER A 213 -2.65 18.45 -15.56
N THR A 214 -3.57 17.53 -15.88
CA THR A 214 -4.96 17.72 -15.49
C THR A 214 -5.14 17.61 -13.97
N LEU A 215 -4.28 16.84 -13.31
CA LEU A 215 -4.43 16.64 -11.87
C LEU A 215 -3.91 17.83 -11.07
N SER A 216 -2.76 18.39 -11.46
CA SER A 216 -2.14 19.47 -10.71
C SER A 216 -2.64 20.85 -11.10
N ASP A 217 -3.45 20.95 -12.15
CA ASP A 217 -3.88 22.23 -12.72
C ASP A 217 -2.70 23.05 -13.22
N LYS A 218 -1.55 22.41 -13.43
CA LYS A 218 -0.36 23.05 -13.96
C LYS A 218 0.07 22.35 -15.24
N THR A 219 0.73 23.10 -16.11
CA THR A 219 1.19 22.55 -17.38
C THR A 219 2.51 21.81 -17.18
N LEU A 220 2.53 20.53 -17.47
CA LEU A 220 3.73 19.71 -17.30
C LEU A 220 4.63 19.88 -18.53
N VAL A 221 5.84 20.39 -18.31
CA VAL A 221 6.79 20.67 -19.38
C VAL A 221 7.91 19.63 -19.30
N PRO A 222 8.03 18.75 -20.29
CA PRO A 222 9.13 17.78 -20.29
C PRO A 222 10.42 18.41 -20.81
N VAL A 223 11.52 18.14 -20.11
CA VAL A 223 12.83 18.63 -20.51
C VAL A 223 13.69 17.50 -21.10
N GLY A 224 13.10 16.35 -21.39
CA GLY A 224 13.84 15.25 -21.97
C GLY A 224 14.84 14.63 -21.00
N PRO A 225 15.57 13.63 -21.47
CA PRO A 225 16.63 13.03 -20.64
C PRO A 225 17.83 13.96 -20.56
N LEU A 226 18.78 13.58 -19.71
CA LEU A 226 19.98 14.40 -19.47
C LEU A 226 21.19 13.47 -19.50
N VAL A 227 21.97 13.60 -20.58
CA VAL A 227 23.18 12.80 -20.84
C VAL A 227 23.10 11.38 -20.29
N ASP A 236 39.44 6.52 -12.99
CA ASP A 236 39.37 7.08 -14.33
C ASP A 236 40.30 6.39 -15.34
N PRO A 237 41.56 6.11 -14.97
CA PRO A 237 42.42 5.35 -15.89
C PRO A 237 41.95 3.91 -16.11
N LYS A 238 41.23 3.34 -15.14
CA LYS A 238 40.76 1.96 -15.19
C LYS A 238 39.62 1.75 -16.19
N THR A 239 39.08 2.79 -16.79
CA THR A 239 37.95 2.64 -17.72
C THR A 239 38.37 2.14 -19.10
N GLU A 240 39.65 2.26 -19.47
CA GLU A 240 40.06 1.85 -20.81
C GLU A 240 39.97 0.35 -21.01
N GLN A 241 40.08 -0.44 -19.94
CA GLN A 241 39.94 -1.89 -20.06
C GLN A 241 38.53 -2.27 -20.47
N ILE A 242 37.52 -1.61 -19.89
CA ILE A 242 36.13 -1.92 -20.23
C ILE A 242 35.85 -1.61 -21.69
N ILE A 243 36.32 -0.46 -22.17
CA ILE A 243 36.09 -0.10 -23.56
C ILE A 243 36.85 -1.02 -24.50
N ASN A 244 38.08 -1.38 -24.14
CA ASN A 244 38.86 -2.29 -24.97
C ASN A 244 38.21 -3.67 -25.05
N TRP A 245 37.63 -4.14 -23.95
CA TRP A 245 36.93 -5.42 -23.98
C TRP A 245 35.63 -5.32 -24.75
N LEU A 246 34.94 -4.18 -24.68
CA LEU A 246 33.65 -4.03 -25.32
C LEU A 246 33.76 -3.84 -26.83
N ASP A 247 34.84 -3.23 -27.30
CA ASP A 247 34.99 -3.00 -28.73
C ASP A 247 35.11 -4.30 -29.52
N LYS A 248 35.61 -5.36 -28.89
CA LYS A 248 35.84 -6.63 -29.58
C LYS A 248 34.58 -7.48 -29.69
N ARG A 249 33.42 -6.99 -29.26
CA ARG A 249 32.20 -7.78 -29.28
C ARG A 249 31.28 -7.31 -30.41
N ALA A 250 30.38 -8.21 -30.80
CA ALA A 250 29.45 -7.94 -31.89
C ALA A 250 28.38 -6.95 -31.44
N GLU A 251 27.65 -6.43 -32.42
CA GLU A 251 26.66 -5.39 -32.16
C GLU A 251 25.44 -5.97 -31.46
N SER A 252 25.01 -5.30 -30.39
CA SER A 252 23.79 -5.65 -29.64
C SER A 252 23.86 -7.10 -29.13
N THR A 253 24.98 -7.43 -28.48
CA THR A 253 25.17 -8.77 -27.93
C THR A 253 25.61 -8.77 -26.47
N VAL A 254 25.95 -7.63 -25.89
CA VAL A 254 26.46 -7.55 -24.53
C VAL A 254 25.37 -7.02 -23.61
N VAL A 255 25.29 -7.58 -22.40
CA VAL A 255 24.29 -7.22 -21.41
C VAL A 255 24.98 -6.54 -20.24
N PHE A 256 24.57 -5.32 -19.92
CA PHE A 256 25.15 -4.56 -18.82
C PHE A 256 24.29 -4.72 -17.58
N VAL A 257 24.93 -4.94 -16.44
CA VAL A 257 24.24 -5.19 -15.17
C VAL A 257 24.81 -4.26 -14.10
N CYS A 258 23.94 -3.49 -13.46
CA CYS A 258 24.32 -2.60 -12.37
C CYS A 258 23.06 -2.22 -11.61
N PHE A 259 23.09 -2.36 -10.29
CA PHE A 259 21.87 -2.14 -9.49
C PHE A 259 21.96 -0.92 -8.59
N GLY A 260 23.00 -0.09 -8.73
CA GLY A 260 23.04 1.17 -8.02
C GLY A 260 23.57 1.03 -6.60
N SER A 261 23.90 2.18 -6.01
CA SER A 261 24.36 2.20 -4.63
C SER A 261 23.17 1.94 -3.69
N GLU A 262 23.49 1.73 -2.41
CA GLU A 262 22.51 1.47 -1.35
C GLU A 262 21.80 0.14 -1.57
N TYR A 263 21.23 -0.44 -0.52
CA TYR A 263 20.52 -1.71 -0.62
C TYR A 263 21.43 -2.75 -1.27
N PHE A 264 22.69 -2.77 -0.81
CA PHE A 264 23.70 -3.65 -1.37
C PHE A 264 23.29 -5.11 -1.23
N LEU A 265 23.14 -5.76 -2.37
CA LEU A 265 22.68 -7.15 -2.42
C LEU A 265 23.51 -8.02 -1.49
N SER A 266 22.83 -8.93 -0.80
CA SER A 266 23.52 -9.92 0.00
C SER A 266 24.17 -10.94 -0.92
N ASN A 267 25.17 -11.65 -0.38
CA ASN A 267 25.85 -12.67 -1.17
C ASN A 267 24.87 -13.71 -1.70
N GLU A 268 23.83 -14.02 -0.93
CA GLU A 268 22.78 -14.91 -1.42
C GLU A 268 22.04 -14.28 -2.59
N GLU A 269 21.81 -12.97 -2.54
CA GLU A 269 21.19 -12.27 -3.66
C GLU A 269 22.17 -12.15 -4.83
N LEU A 270 23.45 -11.95 -4.54
CA LEU A 270 24.45 -11.85 -5.60
C LEU A 270 24.58 -13.16 -6.37
N GLU A 271 24.55 -14.29 -5.65
CA GLU A 271 24.77 -15.59 -6.30
C GLU A 271 23.68 -15.91 -7.29
N GLU A 272 22.43 -15.51 -6.99
CA GLU A 272 21.33 -15.79 -7.90
C GLU A 272 21.53 -15.12 -9.24
N VAL A 273 21.79 -13.80 -9.24
CA VAL A 273 22.01 -13.10 -10.49
C VAL A 273 23.31 -13.55 -11.15
N ALA A 274 24.30 -13.98 -10.36
CA ALA A 274 25.55 -14.46 -10.93
C ALA A 274 25.33 -15.75 -11.72
N ILE A 275 24.60 -16.70 -11.14
CA ILE A 275 24.32 -17.95 -11.84
C ILE A 275 23.38 -17.71 -13.00
N GLY A 276 22.44 -16.77 -12.86
CA GLY A 276 21.59 -16.42 -13.98
C GLY A 276 22.37 -15.86 -15.16
N LEU A 277 23.38 -15.05 -14.87
CA LEU A 277 24.25 -14.54 -15.93
C LEU A 277 25.15 -15.65 -16.49
N GLU A 278 25.55 -16.61 -15.65
CA GLU A 278 26.41 -17.69 -16.11
C GLU A 278 25.65 -18.64 -17.02
N ILE A 279 24.38 -18.94 -16.70
CA ILE A 279 23.59 -19.84 -17.51
C ILE A 279 22.85 -19.13 -18.63
N SER A 280 23.01 -17.82 -18.77
CA SER A 280 22.38 -17.08 -19.86
C SER A 280 23.08 -17.30 -21.20
N THR A 281 24.32 -17.79 -21.18
CA THR A 281 25.12 -17.99 -22.39
C THR A 281 25.21 -16.72 -23.23
N VAL A 282 25.33 -15.58 -22.54
CA VAL A 282 25.45 -14.29 -23.18
C VAL A 282 26.55 -13.50 -22.48
N ASN A 283 27.25 -12.67 -23.26
CA ASN A 283 28.28 -11.81 -22.71
C ASN A 283 27.67 -10.74 -21.83
N PHE A 284 28.27 -10.50 -20.66
CA PHE A 284 27.74 -9.53 -19.73
C PHE A 284 28.88 -8.75 -19.09
N ILE A 285 28.55 -7.56 -18.61
CA ILE A 285 29.46 -6.71 -17.84
C ILE A 285 28.71 -6.31 -16.58
N TRP A 286 29.16 -6.81 -15.43
CA TRP A 286 28.45 -6.64 -14.17
C TRP A 286 29.27 -5.78 -13.21
N ALA A 287 28.64 -4.74 -12.68
CA ALA A 287 29.23 -3.86 -11.68
C ALA A 287 28.48 -4.05 -10.36
N VAL A 288 29.23 -4.30 -9.29
CA VAL A 288 28.63 -4.57 -7.99
C VAL A 288 29.48 -3.93 -6.89
N ARG A 289 28.81 -3.31 -5.93
CA ARG A 289 29.47 -2.72 -4.77
C ARG A 289 29.79 -3.78 -3.72
N LYS A 295 31.34 -1.91 6.14
CA LYS A 295 31.44 -2.15 4.71
C LYS A 295 32.21 -3.44 4.43
N LYS A 296 31.76 -4.53 5.04
CA LYS A 296 32.43 -5.81 4.87
C LYS A 296 32.28 -6.31 3.43
N GLY A 297 33.37 -6.84 2.89
CA GLY A 297 33.36 -7.35 1.53
C GLY A 297 32.85 -8.76 1.43
N ILE A 298 31.78 -8.97 0.68
CA ILE A 298 31.22 -10.29 0.45
C ILE A 298 31.22 -10.56 -1.05
N LEU A 299 31.38 -11.83 -1.41
CA LEU A 299 31.53 -12.20 -2.82
C LEU A 299 31.16 -13.66 -2.99
N PRO A 300 30.73 -14.07 -4.18
CA PRO A 300 30.51 -15.49 -4.44
C PRO A 300 31.83 -16.23 -4.62
N GLU A 301 31.90 -17.43 -4.05
CA GLU A 301 33.11 -18.23 -4.11
C GLU A 301 33.19 -18.96 -5.46
N GLY A 302 34.32 -18.78 -6.16
CA GLY A 302 34.56 -19.49 -7.39
C GLY A 302 33.74 -19.03 -8.58
N PHE A 303 32.83 -18.08 -8.41
CA PHE A 303 32.01 -17.63 -9.53
C PHE A 303 32.86 -16.90 -10.57
N VAL A 304 33.72 -15.99 -10.12
CA VAL A 304 34.56 -15.25 -11.06
C VAL A 304 35.48 -16.19 -11.83
N GLN A 305 35.90 -17.28 -11.18
CA GLN A 305 36.70 -18.30 -11.84
C GLN A 305 35.86 -19.12 -12.82
N ARG A 306 34.67 -19.53 -12.39
CA ARG A 306 33.86 -20.44 -13.18
C ARG A 306 33.50 -19.86 -14.54
N VAL A 307 33.15 -18.57 -14.58
CA VAL A 307 32.78 -17.95 -15.85
C VAL A 307 33.97 -17.58 -16.72
N GLY A 308 35.19 -17.67 -16.19
CA GLY A 308 36.37 -17.28 -16.94
C GLY A 308 36.24 -15.87 -17.50
N ASP A 309 36.15 -15.78 -18.82
CA ASP A 309 35.90 -14.48 -19.46
C ASP A 309 34.40 -14.35 -19.70
N ARG A 310 34.02 -13.88 -20.89
CA ARG A 310 32.61 -13.71 -21.25
C ARG A 310 31.93 -12.69 -20.34
N GLY A 311 32.64 -12.23 -19.31
CA GLY A 311 32.12 -11.29 -18.35
C GLY A 311 33.21 -10.62 -17.54
N LEU A 312 33.00 -9.33 -17.23
CA LEU A 312 33.97 -8.53 -16.50
C LEU A 312 33.32 -7.98 -15.24
N VAL A 313 33.97 -8.19 -14.10
CA VAL A 313 33.47 -7.74 -12.81
C VAL A 313 34.12 -6.40 -12.49
N VAL A 314 33.31 -5.45 -12.05
CA VAL A 314 33.79 -4.11 -11.69
C VAL A 314 33.31 -3.78 -10.29
N GLU A 315 34.17 -3.11 -9.52
CA GLU A 315 33.86 -2.77 -8.13
C GLU A 315 33.08 -1.47 -8.04
N GLY A 316 33.68 -0.36 -8.47
CA GLY A 316 33.09 0.94 -8.29
C GLY A 316 32.40 1.50 -9.52
N TRP A 317 32.79 2.71 -9.91
CA TRP A 317 32.15 3.41 -11.02
C TRP A 317 32.47 2.73 -12.35
N ALA A 318 31.42 2.27 -13.04
CA ALA A 318 31.54 1.67 -14.35
C ALA A 318 31.04 2.65 -15.42
N PRO A 319 31.57 2.57 -16.64
CA PRO A 319 31.11 3.48 -17.69
C PRO A 319 29.70 3.16 -18.15
N GLN A 320 28.70 3.48 -17.32
CA GLN A 320 27.32 3.15 -17.65
C GLN A 320 26.90 3.79 -18.98
N ALA A 321 27.09 5.11 -19.10
CA ALA A 321 26.72 5.79 -20.34
C ALA A 321 27.55 5.29 -21.51
N ARG A 322 28.86 5.08 -21.30
CA ARG A 322 29.72 4.65 -22.40
C ARG A 322 29.45 3.21 -22.80
N ILE A 323 28.97 2.38 -21.88
CA ILE A 323 28.62 1.00 -22.22
C ILE A 323 27.27 0.96 -22.94
N LEU A 324 26.29 1.71 -22.44
CA LEU A 324 24.99 1.75 -23.08
C LEU A 324 25.07 2.34 -24.49
N GLY A 325 25.89 3.39 -24.65
CA GLY A 325 26.04 4.02 -25.95
C GLY A 325 26.84 3.20 -26.94
N HIS A 326 27.59 2.21 -26.48
CA HIS A 326 28.36 1.37 -27.38
C HIS A 326 27.43 0.50 -28.23
N SER A 327 27.78 0.34 -29.51
CA SER A 327 26.93 -0.41 -30.42
C SER A 327 26.88 -1.89 -30.08
N SER A 328 27.84 -2.40 -29.31
CA SER A 328 27.87 -3.81 -28.95
C SER A 328 26.87 -4.18 -27.87
N THR A 329 26.34 -3.20 -27.14
CA THR A 329 25.41 -3.46 -26.04
C THR A 329 23.98 -3.58 -26.57
N GLY A 330 23.26 -4.58 -26.06
CA GLY A 330 21.89 -4.81 -26.44
C GLY A 330 21.03 -5.27 -25.28
N GLY A 331 21.44 -4.92 -24.06
CA GLY A 331 20.71 -5.30 -22.88
C GLY A 331 21.23 -4.65 -21.61
N PHE A 332 20.33 -4.19 -20.75
CA PHE A 332 20.70 -3.53 -19.50
C PHE A 332 19.85 -4.11 -18.39
N VAL A 333 20.44 -4.96 -17.55
CA VAL A 333 19.77 -5.46 -16.35
C VAL A 333 19.92 -4.42 -15.26
N SER A 334 18.81 -3.78 -14.88
CA SER A 334 18.88 -2.65 -13.97
C SER A 334 17.88 -2.80 -12.84
N HIS A 335 18.12 -2.05 -11.76
CA HIS A 335 17.20 -1.95 -10.63
C HIS A 335 16.08 -0.95 -10.89
N CYS A 336 16.01 -0.39 -12.10
CA CYS A 336 14.92 0.48 -12.52
C CYS A 336 14.94 1.83 -11.80
N GLY A 337 16.13 2.37 -11.59
CA GLY A 337 16.22 3.77 -11.20
C GLY A 337 15.81 4.68 -12.35
N TRP A 338 15.16 5.80 -12.00
CA TRP A 338 14.58 6.65 -13.03
C TRP A 338 15.66 7.21 -13.96
N SER A 339 16.72 7.78 -13.39
CA SER A 339 17.82 8.27 -14.20
C SER A 339 18.47 7.13 -14.99
N SER A 340 18.57 5.95 -14.39
CA SER A 340 19.10 4.79 -15.09
C SER A 340 18.22 4.40 -16.26
N ILE A 341 16.90 4.44 -16.08
CA ILE A 341 15.99 4.11 -17.15
C ILE A 341 16.08 5.14 -18.28
N ALA A 342 16.18 6.43 -17.92
CA ALA A 342 16.33 7.45 -18.95
C ALA A 342 17.62 7.26 -19.74
N GLU A 343 18.72 6.94 -19.05
CA GLU A 343 19.97 6.68 -19.74
C GLU A 343 19.87 5.46 -20.64
N SER A 344 19.22 4.40 -20.17
CA SER A 344 19.06 3.19 -20.97
C SER A 344 18.23 3.47 -22.22
N MET A 345 17.22 4.34 -22.09
CA MET A 345 16.35 4.62 -23.23
C MET A 345 16.94 5.64 -24.19
N LYS A 346 17.86 6.49 -23.73
CA LYS A 346 18.48 7.45 -24.65
C LYS A 346 19.35 6.75 -25.70
N PHE A 347 19.88 5.56 -25.37
CA PHE A 347 20.74 4.82 -26.29
C PHE A 347 20.04 3.63 -26.92
N GLY A 348 18.74 3.45 -26.67
CA GLY A 348 18.00 2.37 -27.30
C GLY A 348 18.33 0.98 -26.77
N VAL A 349 18.80 0.87 -25.54
CA VAL A 349 19.14 -0.40 -24.93
C VAL A 349 17.91 -0.90 -24.16
N PRO A 350 17.40 -2.10 -24.45
CA PRO A 350 16.25 -2.61 -23.70
C PRO A 350 16.58 -2.81 -22.23
N VAL A 351 15.53 -2.93 -21.41
CA VAL A 351 15.63 -2.93 -19.97
C VAL A 351 15.20 -4.28 -19.43
N ILE A 352 15.99 -4.82 -18.50
CA ILE A 352 15.65 -6.00 -17.72
C ILE A 352 15.36 -5.52 -16.31
N ALA A 353 14.09 -5.57 -15.92
CA ALA A 353 13.63 -4.95 -14.68
C ALA A 353 13.92 -5.84 -13.49
N MET A 354 14.76 -5.35 -12.57
CA MET A 354 15.01 -5.99 -11.29
C MET A 354 14.84 -4.97 -10.18
N ALA A 355 13.66 -4.36 -10.13
CA ALA A 355 13.34 -3.35 -9.13
C ALA A 355 13.21 -3.99 -7.75
N ARG A 356 13.22 -3.15 -6.72
CA ARG A 356 13.14 -3.66 -5.36
C ARG A 356 12.29 -2.77 -4.46
N HIS A 357 12.65 -1.48 -4.34
CA HIS A 357 11.99 -0.60 -3.40
C HIS A 357 11.71 0.75 -4.04
N LEU A 358 10.93 1.56 -3.34
CA LEU A 358 10.62 2.96 -3.70
C LEU A 358 9.88 2.95 -5.06
N ASP A 359 10.13 3.93 -5.92
CA ASP A 359 9.44 4.04 -7.19
C ASP A 359 9.96 3.07 -8.25
N GLN A 360 11.04 2.35 -7.96
CA GLN A 360 11.64 1.47 -8.96
C GLN A 360 10.66 0.45 -9.56
N PRO A 361 9.76 -0.18 -8.79
CA PRO A 361 8.74 -1.02 -9.45
C PRO A 361 7.87 -0.25 -10.42
N LEU A 362 7.27 0.86 -9.98
CA LEU A 362 6.40 1.65 -10.84
C LEU A 362 7.14 2.08 -12.10
N ASN A 363 8.41 2.46 -11.97
CA ASN A 363 9.21 2.74 -13.15
C ASN A 363 9.35 1.50 -14.02
N GLY A 364 9.77 0.38 -13.42
CA GLY A 364 10.02 -0.85 -14.14
C GLY A 364 8.87 -1.30 -15.02
N LYS A 365 7.69 -1.53 -14.42
CA LYS A 365 6.54 -1.95 -15.21
C LYS A 365 6.19 -0.91 -16.28
N LEU A 366 6.49 0.36 -16.03
CA LEU A 366 6.28 1.38 -17.05
C LEU A 366 7.07 1.05 -18.31
N ALA A 367 8.35 0.68 -18.15
CA ALA A 367 9.15 0.26 -19.29
C ALA A 367 8.57 -0.99 -19.94
N ALA A 368 7.85 -1.80 -19.17
CA ALA A 368 7.19 -2.98 -19.73
C ALA A 368 5.87 -2.65 -20.40
N GLU A 369 5.33 -1.45 -20.19
CA GLU A 369 4.05 -1.09 -20.80
C GLU A 369 4.24 -0.58 -22.22
N VAL A 370 5.25 0.25 -22.46
CA VAL A 370 5.52 0.75 -23.81
C VAL A 370 6.26 -0.25 -24.67
N GLY A 371 6.71 -1.37 -24.12
CA GLY A 371 7.33 -2.42 -24.90
C GLY A 371 8.82 -2.27 -25.15
N VAL A 372 9.54 -1.55 -24.29
CA VAL A 372 10.98 -1.39 -24.44
C VAL A 372 11.74 -2.16 -23.36
N GLY A 373 11.04 -2.97 -22.56
CA GLY A 373 11.70 -3.71 -21.49
C GLY A 373 10.80 -4.83 -21.00
N MET A 374 11.39 -5.67 -20.15
CA MET A 374 10.67 -6.80 -19.59
C MET A 374 11.15 -7.05 -18.17
N GLU A 375 10.24 -7.53 -17.32
CA GLU A 375 10.52 -7.77 -15.92
C GLU A 375 10.73 -9.25 -15.65
N VAL A 376 11.37 -9.55 -14.53
CA VAL A 376 11.63 -10.92 -14.10
C VAL A 376 10.49 -11.37 -13.20
N VAL A 377 10.16 -12.65 -13.28
CA VAL A 377 9.07 -13.20 -12.47
C VAL A 377 9.54 -13.37 -11.04
N ARG A 378 8.66 -13.05 -10.09
CA ARG A 378 8.98 -13.11 -8.68
C ARG A 378 8.13 -14.14 -7.95
N ASP A 379 8.76 -14.86 -7.02
CA ASP A 379 8.13 -15.81 -6.13
C ASP A 379 7.70 -15.01 -4.90
N GLU A 380 7.85 -15.58 -3.70
CA GLU A 380 7.63 -14.77 -2.50
C GLU A 380 8.60 -13.59 -2.48
N ASN A 381 9.83 -13.81 -2.92
CA ASN A 381 10.80 -12.75 -3.14
C ASN A 381 11.71 -13.19 -4.30
N GLY A 382 11.08 -13.61 -5.40
CA GLY A 382 11.76 -14.15 -6.56
C GLY A 382 12.59 -13.17 -7.38
N LYS A 383 12.87 -11.99 -6.82
CA LYS A 383 13.76 -11.06 -7.51
C LYS A 383 15.16 -11.63 -7.63
N TYR A 384 15.47 -12.68 -6.86
CA TYR A 384 16.73 -13.41 -6.94
C TYR A 384 16.42 -14.85 -7.31
N LYS A 385 16.27 -15.12 -8.60
CA LYS A 385 16.07 -16.47 -9.11
C LYS A 385 16.82 -16.64 -10.43
N ARG A 386 17.49 -17.79 -10.57
CA ARG A 386 18.32 -18.00 -11.75
C ARG A 386 17.48 -18.20 -13.01
N GLU A 387 16.39 -18.95 -12.91
CA GLU A 387 15.62 -19.31 -14.10
C GLU A 387 14.97 -18.09 -14.74
N GLY A 388 14.32 -17.24 -13.93
CA GLY A 388 13.67 -16.07 -14.48
C GLY A 388 14.64 -15.10 -15.13
N ILE A 389 15.77 -14.86 -14.46
CA ILE A 389 16.78 -13.93 -14.99
C ILE A 389 17.31 -14.43 -16.33
N ALA A 390 17.73 -15.70 -16.37
CA ALA A 390 18.25 -16.27 -17.61
C ALA A 390 17.20 -16.26 -18.71
N GLU A 391 15.95 -16.60 -18.36
CA GLU A 391 14.88 -16.62 -19.36
C GLU A 391 14.69 -15.24 -19.96
N VAL A 392 14.54 -14.21 -19.12
CA VAL A 392 14.27 -12.87 -19.65
C VAL A 392 15.48 -12.34 -20.42
N ILE A 393 16.69 -12.64 -19.96
CA ILE A 393 17.88 -12.16 -20.66
C ILE A 393 17.97 -12.80 -22.04
N ARG A 394 17.78 -14.12 -22.12
CA ARG A 394 17.82 -14.79 -23.41
C ARG A 394 16.72 -14.28 -24.33
N LYS A 395 15.50 -14.11 -23.80
CA LYS A 395 14.38 -13.67 -24.63
C LYS A 395 14.60 -12.26 -25.16
N VAL A 396 15.18 -11.37 -24.35
CA VAL A 396 15.34 -9.98 -24.78
C VAL A 396 16.53 -9.83 -25.72
N VAL A 397 17.69 -10.38 -25.34
CA VAL A 397 18.93 -10.06 -26.04
C VAL A 397 19.09 -10.93 -27.29
N VAL A 398 19.10 -12.25 -27.12
CA VAL A 398 19.51 -13.13 -28.20
C VAL A 398 18.34 -13.84 -28.90
N GLU A 399 17.19 -13.94 -28.25
CA GLU A 399 16.07 -14.67 -28.83
C GLU A 399 15.23 -13.75 -29.72
N LYS A 400 14.45 -14.37 -30.60
CA LYS A 400 13.62 -13.63 -31.54
C LYS A 400 12.34 -13.12 -30.88
N SER A 401 11.87 -13.78 -29.83
CA SER A 401 10.65 -13.36 -29.16
C SER A 401 10.75 -11.96 -28.59
N GLY A 402 11.96 -11.49 -28.30
CA GLY A 402 12.17 -10.13 -27.84
C GLY A 402 12.50 -9.13 -28.93
N GLU A 403 12.39 -9.51 -30.20
CA GLU A 403 12.66 -8.58 -31.28
C GLU A 403 11.73 -7.38 -31.23
N VAL A 404 10.46 -7.62 -30.87
CA VAL A 404 9.51 -6.52 -30.70
C VAL A 404 10.01 -5.54 -29.66
N ILE A 405 10.68 -6.05 -28.62
CA ILE A 405 11.27 -5.18 -27.61
C ILE A 405 12.50 -4.47 -28.17
N ARG A 406 13.26 -5.13 -29.05
CA ARG A 406 14.47 -4.53 -29.58
C ARG A 406 14.15 -3.39 -30.54
N ARG A 407 13.31 -3.66 -31.55
CA ARG A 407 12.98 -2.63 -32.55
C ARG A 407 12.38 -1.40 -31.89
N LYS A 408 11.38 -1.59 -31.01
CA LYS A 408 10.77 -0.45 -30.34
C LYS A 408 11.78 0.29 -29.47
N ALA A 409 12.84 -0.39 -29.03
CA ALA A 409 13.89 0.29 -28.29
C ALA A 409 14.66 1.24 -29.20
N ARG A 410 14.91 0.84 -30.44
CA ARG A 410 15.63 1.69 -31.37
C ARG A 410 14.70 2.76 -31.97
N GLU A 411 13.51 2.35 -32.40
CA GLU A 411 12.56 3.29 -32.99
C GLU A 411 12.25 4.45 -32.05
N LEU A 412 12.26 4.19 -30.74
CA LEU A 412 12.07 5.27 -29.78
C LEU A 412 13.35 6.07 -29.59
N SER A 413 14.50 5.38 -29.54
CA SER A 413 15.78 6.06 -29.37
C SER A 413 15.99 7.11 -30.46
N GLU A 414 15.81 6.71 -31.72
CA GLU A 414 15.88 7.67 -32.81
C GLU A 414 14.93 8.83 -32.59
N LYS A 415 13.72 8.55 -32.10
CA LYS A 415 12.78 9.61 -31.76
C LYS A 415 13.41 10.63 -30.82
N MET A 416 14.07 10.14 -29.77
CA MET A 416 14.70 11.02 -28.80
C MET A 416 15.81 11.85 -29.42
N LYS A 417 16.41 11.39 -30.51
CA LYS A 417 17.40 12.19 -31.23
C LYS A 417 16.79 12.98 -32.39
N GLU A 418 15.56 12.66 -32.81
CA GLU A 418 14.95 13.38 -33.91
C GLU A 418 14.32 14.69 -33.45
N LYS A 419 13.45 14.63 -32.44
CA LYS A 419 12.79 15.80 -31.90
C LYS A 419 13.59 16.44 -30.78
N GLY A 420 14.84 16.02 -30.58
CA GLY A 420 15.64 16.53 -29.49
C GLY A 420 15.90 18.02 -29.61
N GLU A 421 16.39 18.60 -28.51
CA GLU A 421 16.81 19.99 -28.43
C GLU A 421 15.61 20.95 -28.44
N GLN A 422 14.55 20.59 -29.16
CA GLN A 422 13.39 21.48 -29.26
C GLN A 422 12.49 21.38 -28.04
N GLU A 423 12.51 20.24 -27.34
CA GLU A 423 11.80 20.14 -26.07
C GLU A 423 12.30 21.21 -25.10
N ILE A 424 13.62 21.33 -24.97
CA ILE A 424 14.19 22.33 -24.07
C ILE A 424 13.95 23.73 -24.61
N ASP A 425 13.86 23.89 -25.94
CA ASP A 425 13.53 25.19 -26.51
C ASP A 425 12.14 25.64 -26.09
N ARG A 426 11.17 24.72 -26.19
CA ARG A 426 9.81 25.04 -25.75
C ARG A 426 9.76 25.27 -24.26
N ALA A 427 10.54 24.52 -23.48
CA ALA A 427 10.62 24.75 -22.05
C ALA A 427 11.14 26.16 -21.76
N VAL A 428 12.18 26.59 -22.49
CA VAL A 428 12.75 27.92 -22.27
C VAL A 428 11.75 29.00 -22.64
N GLU A 429 11.05 28.83 -23.77
CA GLU A 429 10.10 29.87 -24.17
C GLU A 429 8.90 29.92 -23.22
N GLU A 430 8.50 28.78 -22.67
CA GLU A 430 7.42 28.81 -21.68
C GLU A 430 7.89 29.43 -20.36
N LEU A 431 9.15 29.20 -19.98
CA LEU A 431 9.71 29.90 -18.83
C LEU A 431 9.73 31.40 -19.06
N VAL A 432 10.09 31.83 -20.26
CA VAL A 432 10.06 33.25 -20.60
C VAL A 432 8.64 33.80 -20.49
N GLN A 433 7.66 33.01 -20.94
CA GLN A 433 6.27 33.44 -20.82
C GLN A 433 5.85 33.57 -19.36
N ILE A 434 6.29 32.63 -18.51
CA ILE A 434 5.95 32.70 -17.10
C ILE A 434 6.61 33.91 -16.45
N CYS A 435 7.83 34.24 -16.88
CA CYS A 435 8.51 35.42 -16.34
C CYS A 435 7.84 36.71 -16.79
N LYS A 436 7.38 36.76 -18.04
CA LYS A 436 6.77 37.98 -18.56
C LYS A 436 5.33 38.18 -18.10
N LYS A 437 4.61 37.11 -17.74
CA LYS A 437 3.28 37.29 -17.19
C LYS A 437 3.32 37.76 -15.74
N LYS A 438 4.37 37.43 -15.00
CA LYS A 438 4.54 37.94 -13.65
C LYS A 438 4.84 39.44 -13.64
N LYS A 439 5.31 39.98 -14.76
CA LYS A 439 5.55 41.42 -14.89
C LYS A 439 4.22 42.17 -14.83
N ASP A 440 3.61 42.21 -13.65
CA ASP A 440 2.31 42.81 -13.43
C ASP A 440 2.38 43.70 -12.21
N GLU A 441 2.27 45.02 -12.42
CA GLU A 441 2.43 46.00 -11.36
C GLU A 441 1.32 45.84 -10.33
N GLN A 442 0.10 46.25 -10.68
CA GLN A 442 -1.04 46.16 -9.79
C GLN A 442 -2.19 45.39 -10.42
N ILE B 8 -38.99 -4.38 -0.36
CA ILE B 8 -38.39 -5.31 -1.32
C ILE B 8 -37.04 -4.76 -1.78
N SER B 9 -36.95 -3.43 -1.89
CA SER B 9 -35.74 -2.77 -2.36
C SER B 9 -34.99 -2.16 -1.17
N ILE B 10 -33.75 -2.59 -0.98
CA ILE B 10 -32.92 -2.12 0.12
C ILE B 10 -31.63 -1.53 -0.45
N ALA B 11 -31.09 -0.52 0.24
CA ALA B 11 -29.85 0.14 -0.15
C ALA B 11 -28.89 0.10 1.02
N LEU B 12 -27.65 -0.33 0.76
CA LEU B 12 -26.64 -0.53 1.80
C LEU B 12 -25.52 0.49 1.61
N LEU B 13 -25.23 1.24 2.68
CA LEU B 13 -24.13 2.20 2.71
C LEU B 13 -23.14 1.78 3.79
N PRO B 14 -22.18 0.92 3.45
CA PRO B 14 -21.14 0.56 4.43
C PRO B 14 -20.12 1.66 4.61
N PHE B 15 -19.39 1.58 5.71
CA PHE B 15 -18.34 2.53 6.01
C PHE B 15 -17.15 2.34 5.06
N LEU B 16 -16.25 3.32 5.06
CA LEU B 16 -15.12 3.32 4.13
C LEU B 16 -13.95 2.50 4.65
N ALA B 17 -14.21 1.25 5.03
CA ALA B 17 -13.16 0.33 5.47
C ALA B 17 -13.53 -1.08 5.02
N HIS B 18 -12.54 -1.81 4.51
CA HIS B 18 -12.81 -3.15 3.99
C HIS B 18 -13.28 -4.11 5.08
N GLY B 19 -12.75 -3.95 6.29
CA GLY B 19 -13.21 -4.76 7.41
C GLY B 19 -14.69 -4.58 7.70
N HIS B 20 -15.29 -3.52 7.15
CA HIS B 20 -16.72 -3.30 7.22
C HIS B 20 -17.37 -3.38 5.85
N ILE B 21 -16.58 -3.57 4.79
CA ILE B 21 -17.14 -3.79 3.46
C ILE B 21 -17.48 -5.26 3.28
N SER B 22 -16.60 -6.14 3.74
CA SER B 22 -16.85 -7.58 3.58
C SER B 22 -18.13 -8.04 4.28
N PRO B 23 -18.41 -7.65 5.54
CA PRO B 23 -19.69 -8.05 6.13
C PRO B 23 -20.90 -7.51 5.38
N PHE B 24 -20.86 -6.24 4.96
CA PHE B 24 -21.97 -5.68 4.20
C PHE B 24 -22.13 -6.38 2.85
N PHE B 25 -21.01 -6.71 2.20
CA PHE B 25 -21.08 -7.39 0.91
C PHE B 25 -21.66 -8.79 1.05
N GLU B 26 -21.27 -9.52 2.10
CA GLU B 26 -21.82 -10.84 2.30
C GLU B 26 -23.29 -10.77 2.73
N LEU B 27 -23.66 -9.74 3.49
CA LEU B 27 -25.07 -9.52 3.78
C LEU B 27 -25.85 -9.25 2.50
N ALA B 28 -25.25 -8.52 1.57
CA ALA B 28 -25.89 -8.30 0.27
C ALA B 28 -26.10 -9.62 -0.46
N LYS B 29 -25.05 -10.44 -0.51
CA LYS B 29 -25.16 -11.76 -1.14
C LYS B 29 -26.27 -12.59 -0.50
N GLN B 30 -26.40 -12.51 0.83
CA GLN B 30 -27.37 -13.36 1.53
C GLN B 30 -28.80 -12.83 1.38
N LEU B 31 -28.98 -11.51 1.38
CA LEU B 31 -30.32 -10.95 1.20
C LEU B 31 -30.77 -10.98 -0.25
N ALA B 32 -29.85 -11.09 -1.20
CA ALA B 32 -30.25 -11.09 -2.61
C ALA B 32 -30.74 -12.46 -3.06
N LYS B 33 -30.28 -13.54 -2.41
CA LYS B 33 -30.71 -14.88 -2.78
C LYS B 33 -32.06 -15.26 -2.19
N ARG B 34 -32.64 -14.42 -1.34
CA ARG B 34 -33.94 -14.69 -0.72
C ARG B 34 -34.86 -13.49 -0.92
N ASN B 35 -36.14 -13.76 -1.11
CA ASN B 35 -37.19 -12.77 -1.31
C ASN B 35 -36.94 -11.90 -2.55
N CYS B 36 -35.96 -12.25 -3.37
CA CYS B 36 -35.56 -11.50 -4.57
C CYS B 36 -35.52 -10.00 -4.28
N ASN B 37 -34.75 -9.65 -3.25
CA ASN B 37 -34.63 -8.27 -2.82
C ASN B 37 -33.85 -7.46 -3.85
N VAL B 38 -34.53 -6.50 -4.48
CA VAL B 38 -33.87 -5.59 -5.41
C VAL B 38 -32.81 -4.80 -4.65
N PHE B 39 -31.56 -5.24 -4.74
CA PHE B 39 -30.50 -4.73 -3.89
C PHE B 39 -29.76 -3.57 -4.55
N LEU B 40 -29.37 -2.60 -3.73
CA LEU B 40 -28.51 -1.51 -4.15
C LEU B 40 -27.42 -1.31 -3.11
N CYS B 41 -26.20 -1.05 -3.55
CA CYS B 41 -25.06 -0.92 -2.65
C CYS B 41 -24.22 0.27 -3.09
N SER B 42 -24.04 1.24 -2.20
CA SER B 42 -23.33 2.48 -2.52
C SER B 42 -22.07 2.60 -1.67
N THR B 43 -20.96 2.93 -2.33
CA THR B 43 -19.64 3.11 -1.73
C THR B 43 -18.68 3.56 -2.84
N PRO B 44 -17.60 4.29 -2.52
CA PRO B 44 -16.66 4.70 -3.56
C PRO B 44 -16.15 3.51 -4.37
N ILE B 45 -15.86 3.77 -5.65
CA ILE B 45 -15.48 2.71 -6.57
C ILE B 45 -14.21 2.00 -6.10
N ASN B 46 -13.33 2.73 -5.41
CA ASN B 46 -12.14 2.11 -4.83
C ASN B 46 -12.53 0.95 -3.91
N LEU B 47 -13.59 1.12 -3.14
CA LEU B 47 -14.07 0.06 -2.26
C LEU B 47 -15.08 -0.86 -2.94
N SER B 48 -15.63 -0.46 -4.09
CA SER B 48 -16.54 -1.33 -4.81
C SER B 48 -15.80 -2.39 -5.60
N SER B 49 -14.68 -2.00 -6.23
CA SER B 49 -13.99 -2.91 -7.15
C SER B 49 -13.24 -4.01 -6.42
N ILE B 50 -12.98 -3.87 -5.13
CA ILE B 50 -12.32 -4.94 -4.38
C ILE B 50 -13.19 -6.19 -4.33
N LYS B 51 -14.50 -6.02 -4.33
CA LYS B 51 -15.44 -7.14 -4.27
C LYS B 51 -15.96 -7.51 -5.65
N ASP B 52 -15.03 -7.70 -6.58
CA ASP B 52 -15.34 -8.09 -7.95
C ASP B 52 -15.04 -9.58 -8.13
N LYS B 53 -15.87 -10.41 -7.46
CA LYS B 53 -15.66 -11.85 -7.47
C LYS B 53 -16.93 -12.50 -8.01
N ASP B 54 -17.80 -13.01 -7.14
CA ASP B 54 -19.06 -13.66 -7.53
C ASP B 54 -20.22 -12.87 -6.92
N SER B 55 -20.59 -11.77 -7.59
CA SER B 55 -21.64 -10.88 -7.10
C SER B 55 -22.57 -10.50 -8.26
N SER B 56 -23.26 -11.50 -8.81
CA SER B 56 -24.12 -11.28 -9.97
C SER B 56 -25.51 -10.77 -9.61
N ALA B 57 -25.93 -10.93 -8.34
CA ALA B 57 -27.30 -10.61 -7.97
C ALA B 57 -27.50 -9.15 -7.59
N SER B 58 -26.52 -8.52 -6.96
CA SER B 58 -26.68 -7.15 -6.47
C SER B 58 -26.33 -6.13 -7.54
N ILE B 59 -26.72 -4.88 -7.29
CA ILE B 59 -26.43 -3.75 -8.17
C ILE B 59 -25.55 -2.77 -7.40
N LYS B 60 -24.35 -2.53 -7.91
CA LYS B 60 -23.39 -1.64 -7.26
C LYS B 60 -23.52 -0.22 -7.81
N LEU B 61 -23.39 0.77 -6.92
CA LEU B 61 -23.50 2.17 -7.26
C LEU B 61 -22.22 2.92 -6.92
N VAL B 62 -21.88 3.90 -7.76
CA VAL B 62 -20.65 4.66 -7.57
C VAL B 62 -20.90 5.82 -6.60
N GLU B 63 -19.81 6.33 -6.03
CA GLU B 63 -19.92 7.48 -5.13
C GLU B 63 -18.71 8.38 -5.29
N LEU B 64 -18.96 9.69 -5.34
CA LEU B 64 -17.99 10.70 -5.70
C LEU B 64 -17.76 11.66 -4.53
N HIS B 65 -16.55 12.22 -4.46
CA HIS B 65 -16.22 13.26 -3.49
C HIS B 65 -15.48 14.39 -4.20
N LEU B 66 -15.40 15.54 -3.52
CA LEU B 66 -14.90 16.78 -4.11
C LEU B 66 -13.76 17.41 -3.30
N PRO B 67 -12.63 16.72 -3.14
CA PRO B 67 -11.56 17.26 -2.29
C PRO B 67 -10.65 18.21 -3.05
N SER B 68 -10.17 19.20 -2.32
CA SER B 68 -9.26 20.20 -2.88
C SER B 68 -7.94 20.23 -2.10
N SER B 69 -7.20 21.32 -2.24
CA SER B 69 -5.93 21.47 -1.55
C SER B 69 -6.15 22.05 -0.15
N LEU B 88 -6.79 10.19 5.61
CA LEU B 88 -7.30 11.47 6.10
C LEU B 88 -8.11 12.25 5.03
N PRO B 89 -7.62 12.33 3.78
CA PRO B 89 -8.46 12.93 2.74
C PRO B 89 -9.69 12.12 2.41
N LEU B 90 -9.69 10.81 2.68
CA LEU B 90 -10.86 9.99 2.41
C LEU B 90 -11.99 10.31 3.39
N ARG B 91 -11.67 10.30 4.69
CA ARG B 91 -12.70 10.47 5.71
C ARG B 91 -13.25 11.89 5.72
N ASN B 92 -12.39 12.89 5.51
CA ASN B 92 -12.86 14.26 5.50
C ASN B 92 -13.79 14.52 4.32
N ALA B 93 -13.56 13.82 3.21
CA ALA B 93 -14.50 13.88 2.08
C ALA B 93 -15.82 13.21 2.42
N PHE B 94 -15.75 12.03 3.04
CA PHE B 94 -16.93 11.29 3.46
C PHE B 94 -17.87 12.16 4.31
N GLU B 95 -17.32 12.89 5.28
CA GLU B 95 -18.12 13.72 6.16
C GLU B 95 -18.82 14.87 5.44
N THR B 96 -18.58 15.03 4.13
CA THR B 96 -19.21 16.08 3.34
C THR B 96 -20.05 15.55 2.19
N ALA B 97 -19.93 14.27 1.84
CA ALA B 97 -20.63 13.65 0.73
C ALA B 97 -22.10 13.34 1.05
N GLY B 98 -22.65 13.93 2.11
CA GLY B 98 -24.04 13.73 2.46
C GLY B 98 -25.02 14.04 1.35
N PRO B 99 -24.96 15.26 0.79
CA PRO B 99 -25.82 15.58 -0.36
C PRO B 99 -25.70 14.61 -1.52
N THR B 100 -24.51 14.05 -1.75
CA THR B 100 -24.35 13.04 -2.80
C THR B 100 -25.18 11.81 -2.48
N PHE B 101 -25.15 11.36 -1.22
CA PHE B 101 -25.97 10.23 -0.81
C PHE B 101 -27.46 10.57 -0.91
N SER B 102 -27.83 11.82 -0.64
CA SER B 102 -29.22 12.23 -0.78
C SER B 102 -29.67 12.16 -2.24
N GLU B 103 -28.81 12.61 -3.15
CA GLU B 103 -29.13 12.51 -4.58
C GLU B 103 -29.22 11.05 -5.01
N ILE B 104 -28.33 10.20 -4.49
CA ILE B 104 -28.38 8.78 -4.81
C ILE B 104 -29.71 8.18 -4.34
N LEU B 105 -30.13 8.53 -3.12
CA LEU B 105 -31.40 8.03 -2.60
C LEU B 105 -32.57 8.53 -3.43
N LYS B 106 -32.54 9.79 -3.84
CA LYS B 106 -33.62 10.33 -4.67
C LYS B 106 -33.68 9.65 -6.03
N THR B 107 -32.53 9.29 -6.58
CA THR B 107 -32.51 8.58 -7.86
C THR B 107 -33.01 7.15 -7.70
N LEU B 108 -32.63 6.49 -6.62
CA LEU B 108 -33.06 5.10 -6.40
C LEU B 108 -34.46 5.04 -5.80
N ASN B 109 -34.71 5.86 -4.77
CA ASN B 109 -35.91 5.76 -3.96
C ASN B 109 -36.10 4.34 -3.40
N PRO B 110 -35.19 3.86 -2.57
CA PRO B 110 -35.33 2.52 -2.00
C PRO B 110 -36.29 2.51 -0.83
N ASP B 111 -36.77 1.31 -0.50
CA ASP B 111 -37.72 1.15 0.59
C ASP B 111 -37.06 1.12 1.95
N LEU B 112 -35.75 0.87 2.02
CA LEU B 112 -35.06 0.77 3.30
C LEU B 112 -33.58 1.01 3.10
N LEU B 113 -32.94 1.54 4.14
CA LEU B 113 -31.51 1.84 4.14
C LEU B 113 -30.83 1.11 5.28
N ILE B 114 -29.72 0.44 4.98
CA ILE B 114 -28.89 -0.22 5.98
C ILE B 114 -27.56 0.51 6.01
N TYR B 115 -27.25 1.14 7.15
CA TYR B 115 -26.05 1.95 7.31
C TYR B 115 -25.12 1.31 8.32
N ASP B 116 -23.89 1.84 8.39
CA ASP B 116 -22.82 1.27 9.18
C ASP B 116 -22.57 2.14 10.42
N PHE B 117 -21.33 2.15 10.91
CA PHE B 117 -21.01 2.82 12.17
C PHE B 117 -20.88 4.32 12.00
N ASN B 118 -20.00 4.77 11.10
CA ASN B 118 -19.72 6.20 11.02
C ASN B 118 -20.06 6.84 9.68
N PRO B 119 -21.26 6.65 9.12
CA PRO B 119 -21.73 7.58 8.09
C PRO B 119 -22.32 8.86 8.67
N SER B 120 -22.65 8.88 9.96
CA SER B 120 -23.10 10.06 10.69
C SER B 120 -24.39 10.64 10.11
N TRP B 121 -24.38 11.01 8.83
CA TRP B 121 -25.51 11.66 8.20
C TRP B 121 -26.45 10.70 7.48
N ALA B 122 -26.13 9.40 7.43
CA ALA B 122 -26.99 8.47 6.70
C ALA B 122 -28.38 8.33 7.32
N PRO B 123 -28.53 8.05 8.62
CA PRO B 123 -29.88 8.12 9.22
C PRO B 123 -30.58 9.44 8.98
N GLU B 124 -29.84 10.56 9.03
CA GLU B 124 -30.47 11.86 8.83
C GLU B 124 -31.05 11.98 7.43
N ILE B 125 -30.29 11.56 6.42
CA ILE B 125 -30.77 11.63 5.05
C ILE B 125 -31.91 10.65 4.82
N ALA B 126 -31.83 9.48 5.46
CA ALA B 126 -32.94 8.53 5.38
C ALA B 126 -34.21 9.13 5.95
N SER B 127 -34.08 9.89 7.05
CA SER B 127 -35.24 10.59 7.61
C SER B 127 -35.65 11.79 6.76
N SER B 128 -34.77 12.27 5.86
CA SER B 128 -35.14 13.36 4.98
C SER B 128 -35.97 12.88 3.80
N HIS B 129 -35.71 11.67 3.31
CA HIS B 129 -36.45 11.09 2.20
C HIS B 129 -37.57 10.17 2.67
N ASN B 130 -37.91 10.21 3.96
CA ASN B 130 -38.94 9.34 4.54
C ASN B 130 -38.60 7.86 4.31
N ILE B 131 -37.32 7.53 4.45
CA ILE B 131 -36.83 6.17 4.25
C ILE B 131 -36.40 5.63 5.61
N PRO B 132 -36.87 4.45 6.02
CA PRO B 132 -36.42 3.88 7.29
C PRO B 132 -34.97 3.42 7.20
N ALA B 133 -34.21 3.72 8.25
CA ALA B 133 -32.80 3.37 8.33
C ALA B 133 -32.60 2.32 9.41
N VAL B 134 -31.98 1.20 9.04
CA VAL B 134 -31.73 0.09 9.95
C VAL B 134 -30.21 -0.05 10.13
N TYR B 135 -29.77 -0.06 11.38
CA TYR B 135 -28.35 -0.15 11.68
C TYR B 135 -27.87 -1.59 11.58
N PHE B 136 -26.65 -1.75 11.06
CA PHE B 136 -26.02 -3.06 10.93
C PHE B 136 -24.78 -3.06 11.81
N LEU B 137 -24.81 -3.87 12.87
CA LEU B 137 -23.69 -4.00 13.79
C LEU B 137 -22.85 -5.19 13.37
N THR B 138 -21.61 -4.92 12.95
CA THR B 138 -20.69 -5.97 12.50
C THR B 138 -19.76 -6.42 13.62
N THR B 139 -20.15 -6.23 14.87
CA THR B 139 -19.32 -6.55 16.02
C THR B 139 -20.13 -7.36 17.02
N ALA B 140 -19.43 -7.96 17.98
CA ALA B 140 -20.08 -8.72 19.04
C ALA B 140 -21.05 -7.84 19.81
N ALA B 141 -22.10 -8.47 20.34
CA ALA B 141 -23.11 -7.71 21.08
C ALA B 141 -22.61 -7.27 22.45
N ALA B 142 -21.64 -8.00 23.02
CA ALA B 142 -21.17 -7.67 24.36
C ALA B 142 -20.34 -6.39 24.36
N SER B 143 -19.49 -6.21 23.34
CA SER B 143 -18.67 -5.00 23.26
C SER B 143 -19.54 -3.75 23.18
N SER B 144 -20.50 -3.75 22.25
CA SER B 144 -21.45 -2.65 22.17
C SER B 144 -22.30 -2.55 23.43
N SER B 145 -22.56 -3.68 24.08
CA SER B 145 -23.37 -3.70 25.29
C SER B 145 -22.70 -2.95 26.44
N ILE B 146 -21.38 -3.08 26.57
CA ILE B 146 -20.67 -2.33 27.59
C ILE B 146 -20.97 -0.83 27.47
N GLY B 147 -20.75 -0.28 26.29
CA GLY B 147 -20.98 1.15 26.09
C GLY B 147 -22.43 1.54 26.22
N LEU B 148 -23.34 0.73 25.65
CA LEU B 148 -24.75 1.05 25.71
C LEU B 148 -25.29 0.98 27.14
N HIS B 149 -24.75 0.08 27.96
CA HIS B 149 -25.11 0.04 29.37
C HIS B 149 -24.54 1.23 30.12
N ALA B 150 -23.31 1.64 29.77
CA ALA B 150 -22.73 2.81 30.40
C ALA B 150 -23.58 4.05 30.10
N PHE B 151 -24.14 4.13 28.90
CA PHE B 151 -24.99 5.27 28.57
C PHE B 151 -26.38 5.15 29.19
N LYS B 152 -27.03 4.00 29.04
CA LYS B 152 -28.39 3.84 29.52
C LYS B 152 -28.46 3.79 31.05
N ASN B 153 -27.43 3.28 31.70
CA ASN B 153 -27.38 3.17 33.16
C ASN B 153 -26.04 3.70 33.64
N PRO B 154 -25.91 5.02 33.81
CA PRO B 154 -24.62 5.57 34.23
C PRO B 154 -24.19 5.09 35.61
N GLY B 155 -25.13 4.92 36.52
CA GLY B 155 -24.81 4.48 37.87
C GLY B 155 -24.74 2.98 38.06
N GLU B 156 -25.61 2.23 37.38
CA GLU B 156 -25.71 0.80 37.65
C GLU B 156 -24.56 0.04 37.00
N LYS B 157 -24.31 -1.15 37.52
CA LYS B 157 -23.23 -2.01 37.06
C LYS B 157 -23.75 -3.06 36.07
N TYR B 158 -22.81 -3.68 35.36
CA TYR B 158 -23.16 -4.65 34.35
C TYR B 158 -23.89 -5.83 34.98
N PRO B 159 -25.01 -6.28 34.40
CA PRO B 159 -25.70 -7.45 34.96
C PRO B 159 -24.86 -8.72 34.94
N PHE B 160 -23.75 -8.73 34.20
CA PHE B 160 -22.89 -9.89 34.06
C PHE B 160 -21.52 -9.54 34.62
N PRO B 161 -21.36 -9.57 35.95
CA PRO B 161 -20.07 -9.19 36.54
C PRO B 161 -18.94 -10.14 36.18
N ASP B 162 -19.25 -11.35 35.69
CA ASP B 162 -18.23 -12.27 35.22
C ASP B 162 -17.58 -11.80 33.93
N PHE B 163 -18.18 -10.81 33.25
CA PHE B 163 -17.66 -10.27 32.00
C PHE B 163 -17.07 -8.89 32.18
N TYR B 164 -17.67 -8.04 33.01
CA TYR B 164 -17.17 -6.71 33.29
C TYR B 164 -17.46 -6.36 34.74
N ASP B 165 -16.44 -5.94 35.48
CA ASP B 165 -16.56 -5.56 36.88
C ASP B 165 -16.32 -4.06 36.98
N ASN B 166 -17.41 -3.28 36.83
CA ASN B 166 -17.31 -1.83 36.92
C ASN B 166 -16.86 -1.34 38.29
N SER B 167 -16.69 -2.24 39.26
CA SER B 167 -16.36 -1.86 40.63
C SER B 167 -15.01 -1.18 40.76
N ASN B 168 -13.93 -1.93 40.49
CA ASN B 168 -12.60 -1.52 40.93
C ASN B 168 -12.15 -0.22 40.28
N ILE B 169 -12.09 -0.18 38.95
CA ILE B 169 -11.49 0.95 38.24
C ILE B 169 -12.49 1.51 37.24
N ILE B 170 -12.80 2.79 37.36
CA ILE B 170 -13.65 3.54 36.44
C ILE B 170 -13.18 4.98 36.34
N PRO B 171 -11.93 5.24 35.92
CA PRO B 171 -11.42 6.62 35.91
C PRO B 171 -12.20 7.55 34.98
N SER B 175 -12.08 10.44 27.67
CA SER B 175 -10.92 10.78 26.85
C SER B 175 -11.24 11.98 25.95
N ALA B 176 -10.27 12.35 25.12
CA ALA B 176 -10.44 13.48 24.21
C ALA B 176 -11.45 13.14 23.13
N ASP B 177 -11.13 12.18 22.27
CA ASP B 177 -12.02 11.72 21.21
C ASP B 177 -13.17 10.85 21.73
N ASN B 178 -13.33 10.77 23.06
CA ASN B 178 -14.39 9.95 23.62
C ASN B 178 -15.77 10.49 23.25
N MET B 179 -15.95 11.81 23.26
CA MET B 179 -17.26 12.36 22.94
C MET B 179 -17.58 12.23 21.45
N LYS B 180 -16.57 12.30 20.59
CA LYS B 180 -16.79 12.00 19.18
C LYS B 180 -17.19 10.54 18.99
N LEU B 181 -16.72 9.65 19.88
CA LEU B 181 -17.07 8.25 19.80
C LEU B 181 -18.40 7.93 20.49
N LEU B 182 -18.58 8.42 21.71
CA LEU B 182 -19.74 8.03 22.52
C LEU B 182 -21.06 8.40 21.85
N HIS B 183 -21.26 9.69 21.55
CA HIS B 183 -22.55 10.11 21.01
C HIS B 183 -22.78 9.54 19.61
N ASP B 184 -21.73 9.50 18.78
CA ASP B 184 -21.86 8.91 17.46
C ASP B 184 -22.18 7.42 17.56
N PHE B 185 -21.57 6.74 18.53
CA PHE B 185 -21.84 5.31 18.71
C PHE B 185 -23.29 5.07 19.11
N ILE B 186 -23.78 5.81 20.11
CA ILE B 186 -25.16 5.64 20.55
C ILE B 186 -26.18 6.12 19.53
N ALA B 187 -25.78 7.01 18.61
CA ALA B 187 -26.72 7.56 17.65
C ALA B 187 -27.20 6.51 16.66
N CYS B 188 -26.26 5.72 16.11
CA CYS B 188 -26.67 4.67 15.18
C CYS B 188 -27.50 3.59 15.86
N PHE B 189 -27.43 3.49 17.19
CA PHE B 189 -28.34 2.60 17.91
C PHE B 189 -29.71 3.23 18.09
N GLU B 190 -29.76 4.54 18.38
CA GLU B 190 -31.05 5.18 18.59
C GLU B 190 -31.78 5.42 17.27
N ARG B 191 -31.07 5.89 16.25
CA ARG B 191 -31.68 6.26 14.98
C ARG B 191 -32.17 5.06 14.17
N SER B 192 -31.83 3.84 14.58
CA SER B 192 -32.31 2.66 13.87
C SER B 192 -33.83 2.52 14.02
N CYS B 193 -34.47 2.02 12.97
CA CYS B 193 -35.91 1.90 12.93
C CYS B 193 -36.31 0.51 13.40
N ASP B 194 -36.99 0.44 14.54
CA ASP B 194 -37.55 -0.79 15.09
C ASP B 194 -36.49 -1.86 15.39
N ILE B 195 -35.77 -2.31 14.37
CA ILE B 195 -34.84 -3.42 14.51
C ILE B 195 -33.42 -2.93 14.28
N ILE B 196 -32.47 -3.79 14.70
CA ILE B 196 -31.04 -3.55 14.51
C ILE B 196 -30.42 -4.86 14.07
N LEU B 197 -29.90 -4.90 12.85
CA LEU B 197 -29.24 -6.10 12.35
C LEU B 197 -27.86 -6.23 12.97
N ILE B 198 -27.45 -7.48 13.23
CA ILE B 198 -26.17 -7.75 13.86
C ILE B 198 -25.54 -8.97 13.20
N LYS B 199 -24.23 -8.88 12.94
CA LYS B 199 -23.45 -9.99 12.41
C LYS B 199 -23.03 -10.89 13.56
N SER B 200 -23.97 -11.72 14.01
CA SER B 200 -23.75 -12.62 15.13
C SER B 200 -24.81 -13.71 15.09
N PHE B 201 -24.76 -14.62 16.07
CA PHE B 201 -25.73 -15.69 16.18
C PHE B 201 -25.98 -15.96 17.66
N ARG B 202 -27.13 -16.58 17.94
CA ARG B 202 -27.53 -16.81 19.32
C ARG B 202 -26.58 -17.78 20.03
N GLU B 203 -26.07 -18.77 19.30
CA GLU B 203 -25.28 -19.84 19.92
C GLU B 203 -23.98 -19.34 20.54
N LEU B 204 -23.57 -18.10 20.26
CA LEU B 204 -22.36 -17.54 20.84
C LEU B 204 -22.64 -16.49 21.91
N GLU B 205 -23.65 -15.65 21.71
CA GLU B 205 -23.95 -14.59 22.67
C GLU B 205 -25.39 -14.12 22.56
N GLY B 206 -26.34 -15.06 22.56
CA GLY B 206 -27.74 -14.67 22.53
C GLY B 206 -28.16 -13.91 23.77
N LYS B 207 -27.54 -14.23 24.91
CA LYS B 207 -27.83 -13.53 26.16
C LYS B 207 -27.42 -12.07 26.07
N TYR B 208 -26.21 -11.80 25.56
CA TYR B 208 -25.79 -10.41 25.35
C TYR B 208 -26.61 -9.74 24.26
N ILE B 209 -27.05 -10.51 23.25
CA ILE B 209 -27.91 -9.94 22.22
C ILE B 209 -29.22 -9.46 22.83
N ASP B 210 -29.80 -10.27 23.72
CA ASP B 210 -31.03 -9.87 24.39
C ASP B 210 -30.79 -8.68 25.32
N LEU B 211 -29.62 -8.63 25.97
CA LEU B 211 -29.28 -7.47 26.78
C LEU B 211 -29.23 -6.20 25.93
N LEU B 212 -28.59 -6.29 24.76
CA LEU B 212 -28.55 -5.15 23.84
C LEU B 212 -29.95 -4.77 23.37
N SER B 213 -30.80 -5.76 23.13
CA SER B 213 -32.18 -5.49 22.74
C SER B 213 -32.91 -4.70 23.81
N THR B 214 -32.79 -5.14 25.07
CA THR B 214 -33.45 -4.44 26.16
C THR B 214 -32.84 -3.07 26.42
N LEU B 215 -31.56 -2.90 26.10
CA LEU B 215 -30.90 -1.62 26.35
C LEU B 215 -31.26 -0.58 25.29
N SER B 216 -31.28 -0.98 24.02
CA SER B 216 -31.50 -0.04 22.93
C SER B 216 -32.98 0.17 22.61
N ASP B 217 -33.88 -0.60 23.22
CA ASP B 217 -35.31 -0.59 22.90
C ASP B 217 -35.57 -1.00 21.46
N LYS B 218 -34.61 -1.65 20.81
CA LYS B 218 -34.76 -2.15 19.46
C LYS B 218 -34.53 -3.66 19.45
N THR B 219 -35.16 -4.34 18.50
CA THR B 219 -35.04 -5.79 18.40
C THR B 219 -33.77 -6.14 17.63
N LEU B 220 -32.87 -6.88 18.29
CA LEU B 220 -31.62 -7.27 17.65
C LEU B 220 -31.85 -8.51 16.80
N VAL B 221 -31.62 -8.38 15.50
CA VAL B 221 -31.87 -9.45 14.53
C VAL B 221 -30.53 -10.00 14.09
N PRO B 222 -30.21 -11.26 14.42
CA PRO B 222 -28.94 -11.85 13.96
C PRO B 222 -29.06 -12.38 12.54
N VAL B 223 -28.05 -12.08 11.72
CA VAL B 223 -27.96 -12.57 10.36
C VAL B 223 -26.89 -13.67 10.25
N GLY B 224 -26.41 -14.18 11.38
CA GLY B 224 -25.38 -15.18 11.40
C GLY B 224 -24.04 -14.63 10.95
N PRO B 225 -23.02 -15.49 10.92
CA PRO B 225 -21.73 -15.04 10.41
C PRO B 225 -21.77 -14.90 8.89
N LEU B 226 -20.69 -14.34 8.34
CA LEU B 226 -20.63 -14.06 6.92
C LEU B 226 -19.27 -14.48 6.39
N VAL B 227 -19.23 -15.57 5.62
CA VAL B 227 -18.00 -16.10 5.05
C VAL B 227 -18.20 -16.28 3.55
N GLN B 228 -17.08 -16.41 2.84
CA GLN B 228 -17.09 -16.63 1.40
C GLN B 228 -16.16 -17.76 1.01
N ASP B 236 -3.47 -18.02 -6.25
CA ASP B 236 -3.91 -19.41 -6.19
C ASP B 236 -2.78 -20.44 -6.10
N PRO B 237 -1.72 -20.30 -6.90
CA PRO B 237 -0.60 -21.25 -6.78
C PRO B 237 0.11 -21.16 -5.43
N LYS B 238 0.18 -19.99 -4.81
CA LYS B 238 0.84 -19.91 -3.51
C LYS B 238 -0.02 -20.49 -2.41
N THR B 239 -1.32 -20.62 -2.62
CA THR B 239 -2.20 -21.25 -1.65
C THR B 239 -2.25 -22.76 -1.84
N GLU B 240 -1.98 -23.23 -3.06
CA GLU B 240 -2.03 -24.67 -3.32
C GLU B 240 -0.85 -25.39 -2.70
N GLN B 241 0.29 -24.70 -2.54
CA GLN B 241 1.41 -25.30 -1.83
C GLN B 241 1.09 -25.49 -0.36
N ILE B 242 0.44 -24.49 0.25
CA ILE B 242 0.04 -24.60 1.65
C ILE B 242 -0.96 -25.73 1.83
N ILE B 243 -1.92 -25.84 0.91
CA ILE B 243 -2.92 -26.91 0.98
C ILE B 243 -2.26 -28.27 0.77
N ASN B 244 -1.29 -28.35 -0.14
CA ASN B 244 -0.58 -29.59 -0.38
C ASN B 244 0.20 -30.01 0.86
N TRP B 245 0.77 -29.05 1.57
CA TRP B 245 1.48 -29.38 2.80
C TRP B 245 0.50 -29.77 3.91
N LEU B 246 -0.67 -29.14 3.94
CA LEU B 246 -1.64 -29.40 5.00
C LEU B 246 -2.35 -30.73 4.82
N ASP B 247 -2.57 -31.16 3.58
CA ASP B 247 -3.21 -32.45 3.33
C ASP B 247 -2.35 -33.60 3.83
N LYS B 248 -1.03 -33.39 3.88
CA LYS B 248 -0.09 -34.42 4.30
C LYS B 248 -0.02 -34.55 5.83
N ARG B 249 -0.84 -33.80 6.56
CA ARG B 249 -0.85 -33.83 8.01
C ARG B 249 -2.08 -34.57 8.52
N ALA B 250 -2.01 -35.02 9.77
CA ALA B 250 -3.10 -35.77 10.37
C ALA B 250 -4.27 -34.85 10.69
N GLU B 251 -5.41 -35.45 10.98
CA GLU B 251 -6.64 -34.69 11.23
C GLU B 251 -6.57 -34.01 12.60
N SER B 252 -6.90 -32.71 12.62
CA SER B 252 -7.01 -31.93 13.86
C SER B 252 -5.70 -31.94 14.64
N THR B 253 -4.59 -31.64 13.95
CA THR B 253 -3.28 -31.61 14.57
C THR B 253 -2.49 -30.34 14.31
N VAL B 254 -2.95 -29.46 13.44
CA VAL B 254 -2.22 -28.25 13.06
C VAL B 254 -2.84 -27.05 13.74
N VAL B 255 -2.00 -26.12 14.18
CA VAL B 255 -2.42 -24.91 14.88
C VAL B 255 -2.13 -23.72 13.97
N PHE B 256 -3.16 -22.93 13.69
CA PHE B 256 -3.03 -21.77 12.82
C PHE B 256 -2.83 -20.51 13.64
N VAL B 257 -1.92 -19.66 13.18
CA VAL B 257 -1.55 -18.43 13.87
C VAL B 257 -1.65 -17.27 12.89
N CYS B 258 -2.39 -16.24 13.27
CA CYS B 258 -2.56 -15.04 12.44
C CYS B 258 -3.04 -13.91 13.33
N PHE B 259 -2.38 -12.75 13.21
CA PHE B 259 -2.60 -11.61 14.10
C PHE B 259 -3.26 -10.43 13.39
N GLY B 260 -3.92 -10.67 12.26
CA GLY B 260 -4.69 -9.65 11.57
C GLY B 260 -3.91 -8.95 10.46
N SER B 261 -4.67 -8.23 9.64
CA SER B 261 -4.10 -7.57 8.46
C SER B 261 -3.21 -6.39 8.82
N GLU B 262 -3.43 -5.74 9.97
CA GLU B 262 -2.57 -4.63 10.37
C GLU B 262 -1.11 -5.09 10.45
N TYR B 263 -0.89 -6.22 11.12
CA TYR B 263 0.42 -6.85 11.27
C TYR B 263 1.50 -5.91 11.79
N PHE B 264 1.12 -4.91 12.58
CA PHE B 264 2.12 -4.07 13.23
C PHE B 264 2.70 -4.88 14.38
N LEU B 265 3.98 -5.23 14.31
CA LEU B 265 4.55 -6.10 15.33
C LEU B 265 6.04 -5.82 15.49
N SER B 266 6.48 -5.75 16.75
CA SER B 266 7.90 -5.68 17.05
C SER B 266 8.55 -7.04 16.88
N ASN B 267 9.86 -7.03 16.63
CA ASN B 267 10.62 -8.26 16.54
C ASN B 267 10.61 -9.01 17.87
N GLU B 268 10.64 -8.26 18.98
CA GLU B 268 10.58 -8.88 20.30
C GLU B 268 9.25 -9.60 20.51
N GLU B 269 8.17 -9.05 19.96
CA GLU B 269 6.88 -9.73 20.03
C GLU B 269 6.88 -10.97 19.15
N LEU B 270 7.56 -10.92 18.01
CA LEU B 270 7.63 -12.07 17.12
C LEU B 270 8.39 -13.23 17.78
N GLU B 271 9.50 -12.92 18.45
CA GLU B 271 10.35 -13.99 18.99
C GLU B 271 9.63 -14.78 20.08
N GLU B 272 8.80 -14.12 20.88
CA GLU B 272 8.09 -14.80 21.95
C GLU B 272 7.14 -15.86 21.40
N VAL B 273 6.29 -15.48 20.45
CA VAL B 273 5.36 -16.44 19.88
C VAL B 273 6.10 -17.48 19.04
N ALA B 274 7.24 -17.12 18.45
CA ALA B 274 8.01 -18.09 17.68
C ALA B 274 8.56 -19.19 18.58
N ILE B 275 9.16 -18.81 19.72
CA ILE B 275 9.69 -19.80 20.63
C ILE B 275 8.56 -20.57 21.31
N GLY B 276 7.42 -19.92 21.56
CA GLY B 276 6.27 -20.64 22.09
C GLY B 276 5.76 -21.71 21.14
N LEU B 277 5.75 -21.40 19.84
CA LEU B 277 5.36 -22.39 18.85
C LEU B 277 6.42 -23.48 18.69
N GLU B 278 7.70 -23.14 18.90
CA GLU B 278 8.76 -24.13 18.77
C GLU B 278 8.71 -25.13 19.91
N ILE B 279 8.40 -24.68 21.13
CA ILE B 279 8.33 -25.57 22.29
C ILE B 279 6.96 -26.20 22.45
N SER B 280 6.01 -25.92 21.57
CA SER B 280 4.70 -26.54 21.65
C SER B 280 4.69 -27.97 21.16
N THR B 281 5.72 -28.38 20.41
CA THR B 281 5.82 -29.73 19.85
C THR B 281 4.58 -30.10 19.06
N VAL B 282 4.03 -29.12 18.34
CA VAL B 282 2.84 -29.32 17.52
C VAL B 282 3.06 -28.64 16.18
N ASN B 283 2.48 -29.23 15.13
CA ASN B 283 2.57 -28.64 13.80
C ASN B 283 1.76 -27.36 13.76
N PHE B 284 2.34 -26.31 13.17
CA PHE B 284 1.68 -25.02 13.12
C PHE B 284 1.90 -24.36 11.76
N ILE B 285 0.98 -23.47 11.42
CA ILE B 285 1.05 -22.63 10.24
C ILE B 285 0.82 -21.19 10.69
N TRP B 286 1.86 -20.37 10.64
CA TRP B 286 1.81 -19.00 11.13
C TRP B 286 2.00 -18.05 9.97
N ALA B 287 1.10 -17.07 9.84
CA ALA B 287 1.19 -16.05 8.80
C ALA B 287 1.47 -14.71 9.48
N VAL B 288 2.57 -14.08 9.08
CA VAL B 288 3.00 -12.81 9.67
C VAL B 288 3.72 -12.00 8.58
N ARG B 289 3.52 -10.69 8.61
CA ARG B 289 4.18 -9.79 7.68
C ARG B 289 5.63 -9.63 8.11
N LEU B 290 6.55 -10.22 7.36
CA LEU B 290 7.96 -10.30 7.74
C LEU B 290 8.75 -9.16 7.10
N ILE B 291 8.43 -7.94 7.55
CA ILE B 291 9.25 -6.80 7.15
C ILE B 291 10.62 -6.87 7.81
N GLU B 292 10.68 -7.44 9.01
CA GLU B 292 11.93 -7.73 9.70
C GLU B 292 12.15 -9.24 9.76
N GLY B 293 13.42 -9.63 9.95
CA GLY B 293 13.80 -11.02 9.88
C GLY B 293 13.80 -11.70 11.24
N GLU B 294 13.14 -12.84 11.32
CA GLU B 294 13.10 -13.67 12.53
C GLU B 294 12.65 -12.89 13.76
N GLY B 302 17.01 -21.75 17.06
CA GLY B 302 17.55 -21.74 15.69
C GLY B 302 16.54 -21.26 14.68
N PHE B 303 15.61 -20.37 15.09
CA PHE B 303 14.58 -19.81 14.19
C PHE B 303 13.94 -20.90 13.31
N VAL B 304 13.62 -20.57 12.06
CA VAL B 304 12.90 -21.52 11.16
C VAL B 304 13.65 -22.85 11.05
N GLN B 305 14.92 -22.84 10.66
CA GLN B 305 15.66 -24.12 10.42
C GLN B 305 15.58 -25.09 11.65
N ARG B 306 15.38 -24.51 12.83
CA ARG B 306 15.21 -25.35 14.05
C ARG B 306 13.74 -25.76 14.14
N VAL B 307 12.80 -24.85 13.84
CA VAL B 307 11.39 -25.29 13.85
C VAL B 307 11.06 -26.11 12.60
N GLY B 308 12.08 -26.36 11.77
CA GLY B 308 11.86 -27.11 10.54
C GLY B 308 11.21 -28.45 10.76
N ASP B 309 10.39 -28.89 9.81
CA ASP B 309 9.68 -30.17 9.86
C ASP B 309 8.68 -30.20 11.02
N ARG B 310 8.26 -29.04 11.52
CA ARG B 310 7.32 -28.96 12.62
C ARG B 310 6.46 -27.70 12.52
N GLY B 311 6.77 -26.82 11.56
CA GLY B 311 6.05 -25.58 11.42
C GLY B 311 6.28 -24.90 10.08
N LEU B 312 5.25 -24.25 9.55
CA LEU B 312 5.32 -23.58 8.25
C LEU B 312 5.00 -22.11 8.42
N VAL B 313 5.90 -21.24 7.96
CA VAL B 313 5.75 -19.80 8.05
C VAL B 313 5.29 -19.25 6.71
N VAL B 314 4.32 -18.32 6.74
CA VAL B 314 3.79 -17.68 5.56
C VAL B 314 3.90 -16.16 5.75
N GLU B 315 4.23 -15.46 4.68
CA GLU B 315 4.44 -14.02 4.75
C GLU B 315 3.14 -13.23 4.62
N GLY B 316 2.49 -13.33 3.46
CA GLY B 316 1.33 -12.50 3.20
C GLY B 316 -0.01 -13.17 3.39
N TRP B 317 -0.85 -13.12 2.38
CA TRP B 317 -2.21 -13.63 2.49
C TRP B 317 -2.19 -15.15 2.54
N ALA B 318 -2.67 -15.70 3.64
CA ALA B 318 -2.78 -17.13 3.80
C ALA B 318 -4.24 -17.57 3.67
N PRO B 319 -4.50 -18.78 3.20
CA PRO B 319 -5.88 -19.26 3.11
C PRO B 319 -6.50 -19.49 4.48
N GLN B 320 -6.83 -18.40 5.18
CA GLN B 320 -7.34 -18.52 6.54
C GLN B 320 -8.57 -19.41 6.59
N ALA B 321 -9.58 -19.11 5.77
CA ALA B 321 -10.78 -19.93 5.76
C ALA B 321 -10.49 -21.35 5.29
N ARG B 322 -9.64 -21.50 4.27
CA ARG B 322 -9.37 -22.83 3.73
C ARG B 322 -8.49 -23.65 4.68
N ILE B 323 -7.66 -23.00 5.49
CA ILE B 323 -6.86 -23.73 6.46
C ILE B 323 -7.69 -24.09 7.68
N LEU B 324 -8.49 -23.16 8.19
CA LEU B 324 -9.32 -23.44 9.35
C LEU B 324 -10.37 -24.51 9.02
N GLY B 325 -10.96 -24.44 7.83
CA GLY B 325 -11.97 -25.42 7.46
C GLY B 325 -11.42 -26.79 7.14
N HIS B 326 -10.11 -26.89 6.93
CA HIS B 326 -9.50 -28.19 6.66
C HIS B 326 -9.54 -29.07 7.91
N SER B 327 -9.79 -30.36 7.71
CA SER B 327 -9.91 -31.29 8.82
C SER B 327 -8.61 -31.45 9.60
N SER B 328 -7.47 -31.08 8.99
CA SER B 328 -6.19 -31.23 9.68
C SER B 328 -5.97 -30.15 10.74
N THR B 329 -6.73 -29.07 10.70
CA THR B 329 -6.56 -27.98 11.66
C THR B 329 -7.37 -28.26 12.92
N GLY B 330 -6.76 -28.00 14.07
CA GLY B 330 -7.41 -28.19 15.35
C GLY B 330 -7.04 -27.13 16.35
N GLY B 331 -6.65 -25.96 15.86
CA GLY B 331 -6.26 -24.86 16.71
C GLY B 331 -6.01 -23.58 15.95
N PHE B 332 -6.49 -22.45 16.47
CA PHE B 332 -6.34 -21.15 15.82
C PHE B 332 -5.89 -20.14 16.88
N VAL B 333 -4.61 -19.77 16.84
CA VAL B 333 -4.09 -18.70 17.68
C VAL B 333 -4.42 -17.38 16.98
N SER B 334 -5.31 -16.59 17.57
CA SER B 334 -5.82 -15.40 16.89
C SER B 334 -5.73 -14.18 17.80
N HIS B 335 -5.77 -13.01 17.17
CA HIS B 335 -5.83 -11.73 17.86
C HIS B 335 -7.25 -11.36 18.27
N CYS B 336 -8.21 -12.26 18.07
CA CYS B 336 -9.59 -12.11 18.53
C CYS B 336 -10.33 -11.01 17.76
N GLY B 337 -10.09 -10.92 16.47
CA GLY B 337 -10.96 -10.14 15.61
C GLY B 337 -12.31 -10.81 15.48
N TRP B 338 -13.37 -10.01 15.41
CA TRP B 338 -14.72 -10.55 15.45
C TRP B 338 -14.98 -11.46 14.24
N SER B 339 -14.67 -10.97 13.04
CA SER B 339 -14.83 -11.80 11.85
C SER B 339 -13.94 -13.03 11.91
N SER B 340 -12.72 -12.89 12.44
CA SER B 340 -11.83 -14.03 12.58
C SER B 340 -12.39 -15.05 13.55
N ILE B 341 -12.96 -14.59 14.66
CA ILE B 341 -13.54 -15.52 15.63
C ILE B 341 -14.75 -16.23 15.03
N ALA B 342 -15.59 -15.50 14.29
CA ALA B 342 -16.73 -16.13 13.64
C ALA B 342 -16.28 -17.19 12.63
N GLU B 343 -15.24 -16.88 11.86
CA GLU B 343 -14.71 -17.85 10.90
C GLU B 343 -14.16 -19.07 11.61
N SER B 344 -13.43 -18.87 12.72
CA SER B 344 -12.88 -19.99 13.46
C SER B 344 -13.98 -20.86 14.05
N MET B 345 -15.08 -20.24 14.48
CA MET B 345 -16.16 -21.01 15.09
C MET B 345 -17.07 -21.68 14.08
N LYS B 346 -17.12 -21.18 12.84
CA LYS B 346 -17.92 -21.84 11.82
C LYS B 346 -17.36 -23.21 11.48
N PHE B 347 -16.06 -23.41 11.66
CA PHE B 347 -15.41 -24.68 11.34
C PHE B 347 -15.11 -25.52 12.58
N GLY B 348 -15.53 -25.07 13.76
CA GLY B 348 -15.30 -25.85 14.96
C GLY B 348 -13.87 -25.87 15.44
N VAL B 349 -13.09 -24.85 15.11
CA VAL B 349 -11.70 -24.76 15.52
C VAL B 349 -11.64 -23.96 16.81
N PRO B 350 -11.07 -24.51 17.89
CA PRO B 350 -10.97 -23.75 19.14
C PRO B 350 -10.08 -22.54 18.98
N VAL B 351 -10.20 -21.61 19.92
CA VAL B 351 -9.58 -20.30 19.83
C VAL B 351 -8.51 -20.17 20.91
N ILE B 352 -7.34 -19.67 20.51
CA ILE B 352 -6.28 -19.27 21.42
C ILE B 352 -6.25 -17.75 21.41
N ALA B 353 -6.69 -17.14 22.50
CA ALA B 353 -6.91 -15.71 22.56
C ALA B 353 -5.59 -15.00 22.84
N MET B 354 -5.15 -14.18 21.88
CA MET B 354 -3.99 -13.31 22.05
C MET B 354 -4.38 -11.89 21.64
N ALA B 355 -5.41 -11.37 22.29
CA ALA B 355 -5.90 -10.03 22.01
C ALA B 355 -4.89 -8.99 22.50
N ARG B 356 -5.05 -7.76 22.02
CA ARG B 356 -4.13 -6.70 22.37
C ARG B 356 -4.84 -5.37 22.56
N HIS B 357 -5.57 -4.92 21.54
CA HIS B 357 -6.17 -3.59 21.55
C HIS B 357 -7.61 -3.66 21.04
N LEU B 358 -8.31 -2.54 21.21
CA LEU B 358 -9.68 -2.32 20.70
C LEU B 358 -10.62 -3.31 21.40
N ASP B 359 -11.64 -3.81 20.72
CA ASP B 359 -12.62 -4.71 21.31
C ASP B 359 -12.12 -6.15 21.39
N GLN B 360 -10.95 -6.45 20.85
CA GLN B 360 -10.46 -7.82 20.81
C GLN B 360 -10.42 -8.52 22.17
N PRO B 361 -10.05 -7.86 23.28
CA PRO B 361 -10.19 -8.55 24.58
C PRO B 361 -11.62 -8.98 24.89
N LEU B 362 -12.58 -8.06 24.79
CA LEU B 362 -13.96 -8.39 25.09
C LEU B 362 -14.46 -9.55 24.23
N ASN B 363 -14.04 -9.59 22.96
CA ASN B 363 -14.34 -10.75 22.13
C ASN B 363 -13.69 -12.01 22.70
N GLY B 364 -12.38 -11.94 22.94
CA GLY B 364 -11.60 -13.09 23.39
C GLY B 364 -12.18 -13.83 24.57
N LYS B 365 -12.34 -13.13 25.70
CA LYS B 365 -12.90 -13.77 26.89
C LYS B 365 -14.29 -14.34 26.62
N LEU B 366 -15.03 -13.74 25.68
CA LEU B 366 -16.33 -14.30 25.31
C LEU B 366 -16.17 -15.72 24.80
N ALA B 367 -15.20 -15.94 23.90
CA ALA B 367 -14.93 -17.29 23.42
C ALA B 367 -14.47 -18.19 24.56
N ALA B 368 -13.87 -17.62 25.60
CA ALA B 368 -13.45 -18.39 26.76
C ALA B 368 -14.59 -18.59 27.75
N GLU B 369 -15.70 -17.87 27.61
CA GLU B 369 -16.80 -18.02 28.55
C GLU B 369 -17.70 -19.19 28.19
N VAL B 370 -18.00 -19.36 26.89
CA VAL B 370 -18.82 -20.48 26.45
C VAL B 370 -18.03 -21.77 26.32
N GLY B 371 -16.71 -21.71 26.49
CA GLY B 371 -15.89 -22.91 26.47
C GLY B 371 -15.40 -23.34 25.11
N VAL B 372 -15.27 -22.42 24.16
CA VAL B 372 -14.75 -22.74 22.83
C VAL B 372 -13.36 -22.16 22.62
N GLY B 373 -12.75 -21.60 23.67
CA GLY B 373 -11.43 -21.02 23.54
C GLY B 373 -10.82 -20.78 24.90
N MET B 374 -9.54 -20.41 24.88
CA MET B 374 -8.81 -20.12 26.10
C MET B 374 -7.84 -18.99 25.85
N GLU B 375 -7.63 -18.16 26.88
CA GLU B 375 -6.78 -16.98 26.77
C GLU B 375 -5.44 -17.20 27.44
N VAL B 376 -4.47 -16.38 27.05
CA VAL B 376 -3.13 -16.43 27.62
C VAL B 376 -3.05 -15.46 28.79
N VAL B 377 -2.34 -15.86 29.83
CA VAL B 377 -2.18 -15.05 31.03
C VAL B 377 -1.14 -13.97 30.77
N ARG B 378 -1.35 -12.80 31.37
CA ARG B 378 -0.44 -11.68 31.25
C ARG B 378 0.26 -11.50 32.60
N ASP B 379 1.56 -11.24 32.56
CA ASP B 379 2.32 -11.17 33.81
C ASP B 379 2.32 -9.78 34.42
N GLU B 380 3.38 -9.47 35.18
CA GLU B 380 3.57 -8.12 35.72
C GLU B 380 3.89 -7.13 34.62
N ASN B 381 4.70 -7.54 33.63
CA ASN B 381 4.97 -6.69 32.47
C ASN B 381 3.70 -6.39 31.69
N GLY B 382 2.71 -7.27 31.75
CA GLY B 382 1.48 -7.13 30.99
C GLY B 382 1.60 -7.47 29.53
N LYS B 383 2.71 -8.04 29.09
CA LYS B 383 2.85 -8.56 27.73
C LYS B 383 2.73 -10.08 27.76
N TYR B 384 2.81 -10.69 26.58
CA TYR B 384 2.75 -12.14 26.49
C TYR B 384 4.04 -12.77 27.01
N LYS B 385 4.00 -14.09 27.16
CA LYS B 385 5.12 -14.85 27.70
C LYS B 385 5.14 -16.21 27.03
N ARG B 386 6.35 -16.73 26.81
CA ARG B 386 6.50 -17.98 26.07
C ARG B 386 5.83 -19.14 26.79
N GLU B 387 5.91 -19.16 28.12
CA GLU B 387 5.35 -20.27 28.89
C GLU B 387 3.84 -20.33 28.74
N GLY B 388 3.17 -19.17 28.85
CA GLY B 388 1.72 -19.16 28.73
C GLY B 388 1.23 -19.61 27.38
N ILE B 389 1.91 -19.18 26.31
CA ILE B 389 1.52 -19.56 24.95
C ILE B 389 1.59 -21.08 24.79
N ALA B 390 2.73 -21.67 25.17
CA ALA B 390 2.89 -23.11 25.05
C ALA B 390 1.86 -23.84 25.92
N GLU B 391 1.63 -23.34 27.14
CA GLU B 391 0.66 -23.98 28.03
C GLU B 391 -0.73 -24.01 27.41
N VAL B 392 -1.20 -22.86 26.93
CA VAL B 392 -2.56 -22.80 26.40
C VAL B 392 -2.67 -23.61 25.10
N ILE B 393 -1.62 -23.59 24.28
CA ILE B 393 -1.66 -24.34 23.02
C ILE B 393 -1.71 -25.83 23.30
N ARG B 394 -0.86 -26.32 24.20
CA ARG B 394 -0.88 -27.73 24.56
C ARG B 394 -2.21 -28.13 25.20
N LYS B 395 -2.72 -27.31 26.11
CA LYS B 395 -3.96 -27.65 26.80
C LYS B 395 -5.14 -27.70 25.85
N VAL B 396 -5.19 -26.80 24.87
CA VAL B 396 -6.34 -26.75 23.97
C VAL B 396 -6.22 -27.82 22.90
N VAL B 397 -5.06 -27.89 22.23
CA VAL B 397 -4.94 -28.72 21.03
C VAL B 397 -4.64 -30.17 21.38
N VAL B 398 -3.55 -30.41 22.11
CA VAL B 398 -3.04 -31.77 22.26
C VAL B 398 -3.37 -32.41 23.62
N GLU B 399 -3.65 -31.63 24.65
CA GLU B 399 -3.89 -32.22 25.96
C GLU B 399 -5.35 -32.63 26.11
N LYS B 400 -5.58 -33.57 27.04
CA LYS B 400 -6.92 -34.06 27.28
C LYS B 400 -7.73 -33.14 28.19
N SER B 401 -7.06 -32.38 29.05
CA SER B 401 -7.75 -31.47 29.95
C SER B 401 -8.54 -30.41 29.19
N GLY B 402 -8.19 -30.13 27.95
CA GLY B 402 -8.90 -29.20 27.10
C GLY B 402 -9.93 -29.85 26.20
N GLU B 403 -10.25 -31.12 26.42
CA GLU B 403 -11.29 -31.77 25.62
C GLU B 403 -12.63 -31.06 25.74
N VAL B 404 -12.93 -30.56 26.95
CA VAL B 404 -14.15 -29.78 27.14
C VAL B 404 -14.16 -28.57 26.22
N ILE B 405 -12.98 -27.97 25.99
CA ILE B 405 -12.89 -26.86 25.06
C ILE B 405 -13.04 -27.34 23.63
N ARG B 406 -12.52 -28.54 23.33
CA ARG B 406 -12.61 -29.07 21.97
C ARG B 406 -14.04 -29.48 21.65
N ARG B 407 -14.65 -30.29 22.52
CA ARG B 407 -16.00 -30.79 22.28
C ARG B 407 -16.98 -29.64 22.05
N LYS B 408 -17.01 -28.67 22.97
CA LYS B 408 -17.91 -27.53 22.82
C LYS B 408 -17.58 -26.72 21.56
N ALA B 409 -16.35 -26.79 21.07
CA ALA B 409 -16.02 -26.13 19.82
C ALA B 409 -16.71 -26.81 18.64
N ARG B 410 -16.78 -28.13 18.67
CA ARG B 410 -17.44 -28.85 17.56
C ARG B 410 -18.95 -28.81 17.71
N GLU B 411 -19.46 -29.05 18.92
CA GLU B 411 -20.90 -29.07 19.16
C GLU B 411 -21.57 -27.77 18.70
N LEU B 412 -20.84 -26.65 18.78
CA LEU B 412 -21.41 -25.39 18.31
C LEU B 412 -21.34 -25.29 16.79
N SER B 413 -20.25 -25.74 16.19
CA SER B 413 -20.10 -25.67 14.74
C SER B 413 -21.26 -26.35 14.03
N GLU B 414 -21.55 -27.61 14.42
CA GLU B 414 -22.70 -28.32 13.87
C GLU B 414 -23.97 -27.50 14.05
N LYS B 415 -24.15 -26.88 15.22
CA LYS B 415 -25.29 -26.01 15.43
C LYS B 415 -25.36 -24.92 14.36
N MET B 416 -24.22 -24.29 14.07
CA MET B 416 -24.19 -23.24 13.07
C MET B 416 -24.56 -23.76 11.68
N LYS B 417 -24.38 -25.06 11.43
CA LYS B 417 -24.81 -25.67 10.19
C LYS B 417 -26.19 -26.29 10.29
N GLU B 418 -26.71 -26.45 11.51
CA GLU B 418 -28.04 -27.02 11.68
C GLU B 418 -29.13 -25.98 11.46
N LYS B 419 -29.02 -24.84 12.17
CA LYS B 419 -29.98 -23.74 12.06
C LYS B 419 -29.63 -22.75 10.96
N GLY B 420 -28.68 -23.07 10.10
CA GLY B 420 -28.23 -22.10 9.11
C GLY B 420 -29.33 -21.69 8.15
N GLU B 421 -29.04 -20.60 7.44
CA GLU B 421 -29.87 -20.05 6.36
C GLU B 421 -31.18 -19.42 6.85
N GLN B 422 -31.77 -19.96 7.92
CA GLN B 422 -33.05 -19.46 8.40
C GLN B 422 -32.94 -18.18 9.22
N GLU B 423 -31.79 -17.92 9.85
CA GLU B 423 -31.59 -16.65 10.53
C GLU B 423 -31.76 -15.49 9.56
N ILE B 424 -31.12 -15.58 8.39
CA ILE B 424 -31.23 -14.51 7.41
C ILE B 424 -32.62 -14.46 6.81
N ASP B 425 -33.31 -15.61 6.73
CA ASP B 425 -34.69 -15.61 6.27
C ASP B 425 -35.59 -14.84 7.22
N ARG B 426 -35.43 -15.06 8.52
CA ARG B 426 -36.20 -14.31 9.50
C ARG B 426 -35.82 -12.84 9.50
N ALA B 427 -34.53 -12.53 9.27
CA ALA B 427 -34.13 -11.14 9.14
C ALA B 427 -34.82 -10.47 7.96
N VAL B 428 -34.90 -11.17 6.82
CA VAL B 428 -35.55 -10.60 5.64
C VAL B 428 -37.03 -10.41 5.87
N GLU B 429 -37.70 -11.40 6.48
CA GLU B 429 -39.13 -11.25 6.71
C GLU B 429 -39.43 -10.17 7.74
N GLU B 430 -38.55 -9.97 8.72
CA GLU B 430 -38.73 -8.85 9.64
C GLU B 430 -38.48 -7.52 8.97
N LEU B 431 -37.53 -7.46 8.03
CA LEU B 431 -37.37 -6.25 7.22
C LEU B 431 -38.64 -5.97 6.43
N VAL B 432 -39.25 -7.02 5.87
CA VAL B 432 -40.51 -6.85 5.14
C VAL B 432 -41.60 -6.36 6.09
N GLN B 433 -41.62 -6.86 7.32
CA GLN B 433 -42.59 -6.40 8.31
C GLN B 433 -42.38 -4.93 8.64
N ILE B 434 -41.12 -4.50 8.76
CA ILE B 434 -40.85 -3.09 9.04
C ILE B 434 -41.26 -2.22 7.85
N CYS B 435 -41.07 -2.73 6.63
CA CYS B 435 -41.47 -1.97 5.45
C CYS B 435 -42.98 -1.86 5.34
N LYS B 436 -43.69 -2.94 5.67
CA LYS B 436 -45.15 -2.95 5.59
C LYS B 436 -45.80 -2.20 6.75
N LYS B 437 -45.09 -2.06 7.87
CA LYS B 437 -45.60 -1.26 8.98
C LYS B 437 -45.51 0.22 8.65
N LYS B 438 -44.52 0.62 7.84
CA LYS B 438 -44.48 2.00 7.37
C LYS B 438 -45.60 2.29 6.38
N LYS B 439 -46.09 1.26 5.69
CA LYS B 439 -47.24 1.43 4.81
C LYS B 439 -48.52 1.58 5.62
N ASP B 440 -48.59 2.62 6.45
CA ASP B 440 -49.75 2.84 7.31
C ASP B 440 -50.13 4.31 7.41
N GLU B 441 -49.52 5.18 6.62
CA GLU B 441 -49.75 6.62 6.75
C GLU B 441 -51.19 6.97 6.44
N GLN B 442 -51.64 8.09 7.01
CA GLN B 442 -53.02 8.56 6.83
C GLN B 442 -53.04 9.99 6.29
C10 8YG C . 5.52 7.39 -5.35
C13 8YG C . 4.72 6.63 -4.19
C15 8YG C . 6.99 9.41 -6.01
C17 8YG C . 4.05 5.39 -5.04
C20 8YG C . 8.25 10.29 -5.58
C21 8YG C . 10.78 10.12 -4.57
C22 8YG C . 3.83 6.00 -6.49
C24 8YG C . 5.15 9.61 -4.32
C26 8YG C . 7.99 10.48 -2.67
C28 8YG C . 10.76 9.47 -2.05
C09 8YG C . 6.26 8.66 -4.83
C11 8YG C . 7.29 8.17 -3.68
C12 8YG C . 8.52 9.19 -3.33
C14 8YG C . 9.28 9.47 -4.69
C16 8YG C . 6.42 7.72 -2.47
C18 8YG C . 5.61 6.40 -2.90
C19 8YG C . 4.39 7.46 -6.42
C23 8YG C . 9.46 8.62 -2.24
C25 8YG C . 6.57 6.42 -5.92
C27 8YG C . 11.62 9.49 -3.34
C29 8YG C . 2.72 5.01 -4.49
C30 8YG C . 10.74 11.67 -4.44
C31 8YG C . 11.53 9.79 -5.88
C32 8YG C . 1.81 6.30 -4.18
C33 8YG C . 2.00 4.17 -5.60
C34 8YG C . 0.91 6.20 -2.91
C35 8YG C . 14.02 9.41 -3.04
C36 8YG C . 15.20 10.10 -3.73
C37 8YG C . 1.50 6.52 -1.54
C38 8YG C . 16.42 9.20 -3.68
C39 8YG C . 15.49 8.29 -1.45
C40 8YG C . 16.76 8.72 -2.26
C41 8YG C . 1.68 5.71 -0.50
C42 8YG C . 15.86 8.20 0.06
C43 8YG C . 2.29 6.12 0.86
C44 8YG C . 1.24 4.22 -0.57
O01 8YG C . 4.73 6.05 -1.86
O02 8YG C . 12.85 10.18 -3.06
O03 8YG C . 2.98 4.27 -3.36
O04 8YG C . 14.38 9.18 -1.67
O05 8YG C . 14.86 10.34 -5.05
O06 8YG C . 17.55 9.93 -4.17
O07 8YG C . 17.71 7.70 -2.25
O08 8YG C . 17.12 8.78 0.27
C10 8YG D . -15.73 -0.60 24.21
C13 8YG D . -14.85 0.51 24.98
C15 8YG D . -17.42 -0.91 22.23
C17 8YG D . -14.43 -0.24 26.38
C20 8YG D . -17.54 -0.79 20.64
C21 8YG D . -16.14 -0.98 18.30
C22 8YG D . -15.50 -1.42 26.54
C24 8YG D . -17.23 1.26 23.47
C26 8YG D . -16.51 1.83 20.18
C28 8YG D . -14.64 1.12 18.07
C09 8YG D . -16.40 0.05 22.95
C11 8YG D . -15.17 0.48 21.98
C12 8YG D . -15.53 0.67 20.40
C14 8YG D . -16.14 -0.70 19.91
C16 8YG D . -14.43 1.68 22.65
C18 8YG D . -13.77 1.17 24.02
C19 8YG D . -16.56 -1.22 25.39
C23 8YG D . -14.30 1.09 19.57
C25 8YG D . -14.80 -1.73 23.73
C27 8YG D . -14.91 -0.32 17.51
C29 8YG D . -14.53 0.72 27.54
C30 8YG D . -17.47 -0.50 17.66
C31 8YG D . -16.05 -2.50 18.08
C32 8YG D . -15.50 0.19 28.70
C33 8YG D . -13.08 0.86 28.17
C34 8YG D . -16.51 1.26 29.22
C35 8YG D . -13.96 0.10 15.27
C36 8YG D . -13.98 -0.45 13.83
C37 8YG D . -17.11 1.16 30.63
C38 8YG D . -12.85 0.15 12.98
C39 8YG D . -12.77 2.06 14.67
C40 8YG D . -12.67 1.67 13.17
C41 8YG D . -16.65 1.63 31.79
C42 8YG D . -12.79 3.60 14.84
C43 8YG D . -17.34 1.47 33.16
C44 8YG D . -15.31 2.43 31.84
O01 8YG D . -13.23 2.26 24.72
O02 8YG D . -15.09 -0.26 16.07
O03 8YG D . -15.01 1.92 27.04
O04 8YG D . -13.96 1.52 15.18
O05 8YG D . -13.81 -1.84 13.86
O06 8YG D . -13.11 -0.09 11.59
O07 8YG D . -11.48 2.14 12.60
O08 8YG D . -13.72 4.15 13.95
#